data_8DTR
#
_entry.id   8DTR
#
_cell.length_a   75.361
_cell.length_b   83.207
_cell.length_c   170.382
_cell.angle_alpha   90.000
_cell.angle_beta   90.000
_cell.angle_gamma   90.000
#
_symmetry.space_group_name_H-M   'P 21 21 21'
#
loop_
_entity.id
_entity.type
_entity.pdbx_description
1 polymer 'COV30-14 heavy chain'
2 polymer 'COV30-14 light chain'
3 polymer "Spike protein S2' stem helix peptide"
4 water water
#
loop_
_entity_poly.entity_id
_entity_poly.type
_entity_poly.pdbx_seq_one_letter_code
_entity_poly.pdbx_strand_id
1 'polypeptide(L)'
;QVQLVQSGAEVKKPGASVKVSCQTSGYTFTSYYMHWVRQAPGQGLEWMGLITPSGDDTYYAQRFQGRVTMTRDTSTSPTY
MELSSLTSEDTAVYYCAKMSRAGGFDVWGQGTLVTVSSASTKGPSVFPLAPSSKSTSGGTAALGCLVKDYFPEPVTVSWN
SGALTSGVHTFPAVLQSSGLYSLSSVVTVPSSSLGTQTYICNVNHKPSNTKVDKKVEPKSC
;
A,E
2 'polypeptide(L)'
;EVVLTQSPGTLSLSPGERATLSCRASQSITGRYLAWYQQKPGQAPRLLMYGESSRVTGIPDRFSGGGSGTDFTLTISRLE
PEDFAVYYCQHFASSPPTYTFGQGTKLEIRRTVAAPSVFIFPPSDEQLKSGTASVVCLLNNFYPREAKVQWKVDNALQSG
NSQESVTEQDSKDSTYSLSSTLTLSKADYEKHKVYACEVTHQGLSSPVTKSFNRGEC
;
B,F
3 'polypeptide(L)' LDSFKEELDKYFKNH G,J
#
# COMPACT_ATOMS: atom_id res chain seq x y z
N VAL A 2 -18.68 12.29 -12.13
CA VAL A 2 -18.72 12.15 -10.67
C VAL A 2 -18.01 10.89 -10.22
N GLN A 3 -17.01 11.07 -9.37
CA GLN A 3 -16.29 9.99 -8.71
C GLN A 3 -16.48 10.13 -7.21
N LEU A 4 -16.70 9.02 -6.52
CA LEU A 4 -16.99 9.02 -5.10
C LEU A 4 -15.84 8.33 -4.36
N VAL A 5 -15.28 9.02 -3.37
CA VAL A 5 -14.11 8.53 -2.64
C VAL A 5 -14.48 8.45 -1.17
N GLN A 6 -14.34 7.27 -0.59
CA GLN A 6 -14.70 7.04 0.80
C GLN A 6 -13.48 7.02 1.69
N SER A 7 -13.72 7.14 2.99
CA SER A 7 -12.67 7.05 3.99
C SER A 7 -12.20 5.60 4.14
N GLY A 8 -11.13 5.43 4.90
CA GLY A 8 -10.48 4.14 4.97
C GLY A 8 -11.14 3.17 5.94
N ALA A 9 -10.65 1.94 5.89
CA ALA A 9 -11.21 0.85 6.69
C ALA A 9 -11.18 1.18 8.17
N GLU A 10 -12.09 0.56 8.91
CA GLU A 10 -12.25 0.79 10.33
C GLU A 10 -12.35 -0.54 11.07
N VAL A 11 -11.87 -0.56 12.30
CA VAL A 11 -12.00 -1.72 13.18
C VAL A 11 -12.63 -1.22 14.47
N LYS A 12 -13.65 -1.93 14.96
CA LYS A 12 -14.43 -1.47 16.11
C LYS A 12 -14.74 -2.63 17.02
N LYS A 13 -14.91 -2.31 18.35
CA LYS A 13 -15.34 -3.29 19.32
C LYS A 13 -16.85 -3.24 19.45
N PRO A 14 -17.50 -4.34 19.83
CA PRO A 14 -18.97 -4.29 19.98
C PRO A 14 -19.38 -3.18 20.93
N GLY A 15 -20.47 -2.50 20.58
CA GLY A 15 -20.97 -1.38 21.35
C GLY A 15 -20.50 -0.02 20.90
N ALA A 16 -19.44 0.04 20.10
CA ALA A 16 -18.91 1.31 19.62
C ALA A 16 -19.73 1.81 18.43
N SER A 17 -19.29 2.93 17.87
CA SER A 17 -19.90 3.50 16.67
C SER A 17 -18.82 3.69 15.62
N VAL A 18 -19.24 3.87 14.37
CA VAL A 18 -18.32 4.12 13.28
C VAL A 18 -18.91 5.21 12.40
N LYS A 19 -18.04 6.06 11.85
CA LYS A 19 -18.45 7.16 10.99
C LYS A 19 -17.61 7.11 9.72
N VAL A 20 -18.28 6.90 8.59
CA VAL A 20 -17.64 6.76 7.28
C VAL A 20 -18.00 7.98 6.46
N SER A 21 -17.05 8.49 5.67
CA SER A 21 -17.27 9.65 4.84
C SER A 21 -17.31 9.28 3.37
N CYS A 22 -18.00 10.09 2.59
CA CYS A 22 -18.11 9.94 1.14
C CYS A 22 -17.96 11.31 0.53
N GLN A 23 -16.97 11.48 -0.36
CA GLN A 23 -16.68 12.78 -0.95
C GLN A 23 -16.80 12.70 -2.46
N THR A 24 -17.55 13.64 -3.03
CA THR A 24 -17.57 13.79 -4.48
C THR A 24 -16.25 14.42 -4.91
N SER A 25 -15.49 13.71 -5.74
CA SER A 25 -14.17 14.19 -6.15
C SER A 25 -14.25 15.58 -6.77
N GLY A 26 -15.26 15.82 -7.61
CA GLY A 26 -15.44 17.12 -8.23
C GLY A 26 -15.09 17.12 -9.71
N THR A 30 -23.68 19.86 -9.73
CA THR A 30 -24.98 19.36 -9.31
C THR A 30 -24.83 18.40 -8.14
N SER A 31 -25.71 18.55 -7.16
CA SER A 31 -25.79 17.61 -6.05
C SER A 31 -26.94 16.63 -6.28
N TYR A 32 -26.88 15.49 -5.61
CA TYR A 32 -27.76 14.38 -5.93
C TYR A 32 -28.20 13.68 -4.65
N TYR A 33 -29.24 12.85 -4.76
CA TYR A 33 -29.58 11.96 -3.65
C TYR A 33 -28.46 10.95 -3.47
N MET A 34 -28.02 10.79 -2.22
CA MET A 34 -26.93 9.87 -1.91
C MET A 34 -27.47 8.76 -1.03
N HIS A 35 -27.09 7.52 -1.33
CA HIS A 35 -27.55 6.35 -0.59
C HIS A 35 -26.37 5.60 -0.01
N TRP A 36 -26.64 4.79 1.01
CA TRP A 36 -25.64 3.88 1.57
C TRP A 36 -26.16 2.45 1.47
N VAL A 37 -25.25 1.56 1.09
CA VAL A 37 -25.52 0.14 0.88
C VAL A 37 -24.36 -0.62 1.50
N ARG A 38 -24.65 -1.68 2.24
CA ARG A 38 -23.60 -2.51 2.84
C ARG A 38 -23.69 -3.95 2.38
N GLN A 39 -22.57 -4.66 2.53
CA GLN A 39 -22.45 -6.03 2.05
C GLN A 39 -21.52 -6.79 2.99
N ALA A 40 -22.08 -7.70 3.76
CA ALA A 40 -21.28 -8.55 4.62
C ALA A 40 -20.43 -9.48 3.77
N PRO A 41 -19.25 -9.90 4.27
CA PRO A 41 -18.37 -10.77 3.47
C PRO A 41 -19.11 -11.98 2.91
N GLY A 42 -19.11 -12.12 1.59
CA GLY A 42 -19.72 -13.27 0.94
C GLY A 42 -21.23 -13.25 0.83
N GLN A 43 -21.89 -12.17 1.28
CA GLN A 43 -23.34 -12.06 1.32
C GLN A 43 -23.83 -11.05 0.29
N GLY A 44 -25.14 -10.78 0.29
CA GLY A 44 -25.73 -9.86 -0.66
C GLY A 44 -25.70 -8.42 -0.21
N LEU A 45 -26.45 -7.60 -0.93
CA LEU A 45 -26.49 -6.15 -0.75
C LEU A 45 -27.66 -5.77 0.15
N GLU A 46 -27.44 -4.76 1.00
CA GLU A 46 -28.46 -4.31 1.94
C GLU A 46 -28.50 -2.78 1.96
N TRP A 47 -29.64 -2.21 1.58
CA TRP A 47 -29.80 -0.75 1.58
C TRP A 47 -29.95 -0.24 3.00
N MET A 48 -29.29 0.89 3.30
CA MET A 48 -29.39 1.50 4.63
C MET A 48 -30.22 2.78 4.70
N GLY A 49 -30.31 3.56 3.64
CA GLY A 49 -31.03 4.82 3.70
C GLY A 49 -30.46 5.80 2.70
N LEU A 50 -31.06 7.00 2.67
CA LEU A 50 -30.67 8.03 1.72
C LEU A 50 -30.73 9.40 2.38
N ILE A 51 -30.04 10.35 1.77
CA ILE A 51 -30.03 11.74 2.21
C ILE A 51 -30.27 12.63 0.98
N THR A 52 -31.02 13.73 1.18
CA THR A 52 -31.45 14.55 0.06
C THR A 52 -30.28 15.33 -0.55
N PRO A 53 -30.45 15.86 -1.78
CA PRO A 53 -29.37 16.63 -2.40
C PRO A 53 -28.86 17.79 -1.57
N SER A 54 -29.72 18.44 -0.78
CA SER A 54 -29.29 19.53 0.08
C SER A 54 -28.75 19.05 1.42
N GLY A 55 -29.08 17.83 1.82
CA GLY A 55 -28.77 17.35 3.14
C GLY A 55 -29.79 17.71 4.20
N ASP A 56 -30.89 18.35 3.84
CA ASP A 56 -31.86 18.81 4.83
C ASP A 56 -32.77 17.72 5.36
N ASP A 57 -32.77 16.53 4.76
CA ASP A 57 -33.61 15.45 5.28
C ASP A 57 -33.03 14.11 4.89
N THR A 58 -33.45 13.08 5.63
CA THR A 58 -32.99 11.71 5.43
C THR A 58 -34.18 10.77 5.55
N TYR A 59 -33.96 9.52 5.11
CA TYR A 59 -34.89 8.45 5.40
C TYR A 59 -34.11 7.16 5.43
N TYR A 60 -34.33 6.34 6.45
CA TYR A 60 -33.52 5.17 6.71
C TYR A 60 -34.33 3.89 6.51
N ALA A 61 -33.62 2.82 6.20
CA ALA A 61 -34.22 1.49 6.21
C ALA A 61 -34.69 1.16 7.61
N GLN A 62 -35.82 0.44 7.69
CA GLN A 62 -36.43 0.14 8.98
C GLN A 62 -35.44 -0.52 9.93
N ARG A 63 -34.66 -1.48 9.42
CA ARG A 63 -33.70 -2.20 10.26
C ARG A 63 -32.69 -1.30 10.94
N PHE A 64 -32.45 -0.10 10.40
CA PHE A 64 -31.42 0.78 10.95
C PHE A 64 -31.99 2.03 11.60
N GLN A 65 -33.30 2.22 11.58
CA GLN A 65 -33.90 3.37 12.24
C GLN A 65 -33.60 3.35 13.73
N GLY A 66 -33.07 4.47 14.23
CA GLY A 66 -32.63 4.56 15.60
C GLY A 66 -31.16 4.27 15.82
N ARG A 67 -30.47 3.70 14.82
CA ARG A 67 -29.06 3.35 14.93
C ARG A 67 -28.15 4.08 13.95
N VAL A 68 -28.69 4.67 12.88
CA VAL A 68 -27.90 5.23 11.80
C VAL A 68 -28.22 6.70 11.65
N THR A 69 -27.21 7.48 11.27
CA THR A 69 -27.36 8.89 10.98
C THR A 69 -26.58 9.26 9.72
N MET A 70 -27.23 9.99 8.83
CA MET A 70 -26.64 10.45 7.59
C MET A 70 -26.65 11.97 7.58
N THR A 71 -25.49 12.58 7.34
CA THR A 71 -25.32 14.02 7.40
C THR A 71 -24.50 14.50 6.22
N ARG A 72 -24.74 15.74 5.80
CA ARG A 72 -23.90 16.40 4.80
C ARG A 72 -23.38 17.73 5.34
N THR A 74 -22.46 20.86 5.73
CA THR A 74 -23.10 21.99 5.06
C THR A 74 -23.80 21.54 3.78
N SER A 75 -23.52 22.23 2.67
CA SER A 75 -24.00 21.80 1.36
C SER A 75 -22.93 21.04 0.58
N THR A 76 -21.75 21.66 0.39
CA THR A 76 -20.66 21.07 -0.38
C THR A 76 -19.62 20.41 0.51
N SER A 77 -20.03 19.87 1.65
CA SER A 77 -19.20 19.07 2.51
C SER A 77 -19.36 17.59 2.18
N PRO A 78 -18.39 16.71 2.52
CA PRO A 78 -18.58 15.30 2.34
C PRO A 78 -19.85 14.85 3.07
N THR A 79 -20.37 13.69 2.69
CA THR A 79 -21.54 13.15 3.42
C THR A 79 -21.05 12.01 4.31
N TYR A 80 -21.65 11.90 5.49
CA TYR A 80 -21.19 10.89 6.45
C TYR A 80 -22.30 9.93 6.84
N MET A 81 -21.92 8.71 7.16
CA MET A 81 -22.87 7.73 7.66
C MET A 81 -22.30 7.24 8.98
N GLU A 82 -23.06 7.43 10.06
CA GLU A 82 -22.67 6.98 11.40
C GLU A 82 -23.60 5.88 11.86
N LEU A 83 -23.03 4.76 12.27
CA LEU A 83 -23.77 3.61 12.74
C LEU A 83 -23.34 3.30 14.16
N SER A 84 -24.30 3.29 15.07
CA SER A 84 -24.04 3.13 16.50
C SER A 84 -24.42 1.75 16.97
N SER A 85 -24.06 1.44 18.22
CA SER A 85 -24.40 0.18 18.88
C SER A 85 -23.99 -1.02 18.02
N LEU A 86 -22.74 -0.97 17.54
CA LEU A 86 -22.26 -1.96 16.58
C LEU A 86 -22.18 -3.34 17.21
N THR A 87 -22.49 -4.36 16.41
CA THR A 87 -22.23 -5.74 16.76
C THR A 87 -21.46 -6.39 15.62
N SER A 88 -21.02 -7.64 15.84
CA SER A 88 -20.27 -8.36 14.81
C SER A 88 -21.09 -8.56 13.53
N GLU A 89 -22.42 -8.48 13.63
CA GLU A 89 -23.26 -8.55 12.45
C GLU A 89 -23.11 -7.31 11.56
N ASP A 90 -22.51 -6.24 12.06
CA ASP A 90 -22.28 -5.04 11.26
C ASP A 90 -20.98 -5.10 10.48
N THR A 91 -20.21 -6.17 10.62
CA THR A 91 -19.02 -6.34 9.79
C THR A 91 -19.43 -6.45 8.33
N ALA A 92 -18.94 -5.54 7.50
CA ALA A 92 -19.37 -5.46 6.11
C ALA A 92 -18.55 -4.37 5.41
N VAL A 93 -18.61 -4.39 4.08
CA VAL A 93 -18.15 -3.26 3.29
C VAL A 93 -19.32 -2.29 3.15
N TYR A 94 -19.09 -1.02 3.47
CA TYR A 94 -20.10 0.02 3.39
C TYR A 94 -19.82 0.87 2.15
N TYR A 95 -20.83 1.02 1.30
CA TYR A 95 -20.73 1.78 0.05
C TYR A 95 -21.61 3.01 0.11
N CYS A 96 -21.11 4.13 -0.38
CA CYS A 96 -22.00 5.22 -0.73
C CYS A 96 -22.29 5.17 -2.23
N ALA A 97 -23.41 5.72 -2.63
CA ALA A 97 -23.78 5.67 -4.04
C ALA A 97 -24.62 6.89 -4.41
N LYS A 98 -24.42 7.36 -5.64
CA LYS A 98 -25.23 8.41 -6.25
C LYS A 98 -26.43 7.80 -6.93
N MET A 99 -27.60 8.44 -6.76
CA MET A 99 -28.82 8.02 -7.43
C MET A 99 -28.98 8.78 -8.74
N SER A 100 -29.39 8.08 -9.79
CA SER A 100 -29.78 8.79 -11.01
C SER A 100 -31.25 9.21 -10.90
N ARG A 101 -31.69 10.03 -11.87
CA ARG A 101 -33.08 10.49 -11.84
C ARG A 101 -34.07 9.34 -11.94
N ALA A 102 -33.66 8.24 -12.57
CA ALA A 102 -34.51 7.06 -12.71
C ALA A 102 -34.53 6.17 -11.48
N GLY A 103 -33.73 6.46 -10.46
CA GLY A 103 -33.76 5.77 -9.19
C GLY A 103 -32.65 4.75 -8.97
N GLY A 104 -31.99 4.30 -10.02
CA GLY A 104 -30.88 3.38 -9.85
C GLY A 104 -29.64 4.10 -9.36
N PHE A 105 -28.67 3.30 -8.88
CA PHE A 105 -27.42 3.84 -8.32
C PHE A 105 -26.36 3.79 -9.42
N ASP A 106 -26.05 4.96 -10.00
CA ASP A 106 -25.23 4.98 -11.20
C ASP A 106 -23.74 5.18 -10.92
N VAL A 107 -23.39 5.71 -9.75
CA VAL A 107 -22.00 5.90 -9.35
C VAL A 107 -21.87 5.39 -7.92
N TRP A 108 -20.82 4.59 -7.66
CA TRP A 108 -20.58 4.01 -6.35
C TRP A 108 -19.21 4.41 -5.85
N GLY A 109 -19.09 4.59 -4.54
CA GLY A 109 -17.77 4.71 -3.94
C GLY A 109 -17.05 3.38 -3.95
N GLN A 110 -15.80 3.41 -3.50
CA GLN A 110 -15.00 2.20 -3.57
C GLN A 110 -15.28 1.25 -2.43
N GLY A 111 -16.09 1.68 -1.45
CA GLY A 111 -16.40 0.86 -0.28
C GLY A 111 -15.44 1.12 0.86
N THR A 112 -15.94 0.92 2.07
CA THR A 112 -15.16 1.03 3.29
C THR A 112 -15.43 -0.20 4.14
N LEU A 113 -14.39 -0.98 4.44
CA LEU A 113 -14.59 -2.15 5.28
C LEU A 113 -14.67 -1.74 6.74
N VAL A 114 -15.71 -2.17 7.44
CA VAL A 114 -15.82 -2.00 8.89
C VAL A 114 -15.88 -3.38 9.52
N THR A 115 -14.90 -3.70 10.36
CA THR A 115 -14.87 -4.97 11.08
C THR A 115 -15.24 -4.73 12.53
N VAL A 116 -16.24 -5.46 13.02
CA VAL A 116 -16.70 -5.33 14.41
C VAL A 116 -16.43 -6.65 15.12
N SER A 117 -15.59 -6.61 16.14
CA SER A 117 -15.15 -7.82 16.81
C SER A 117 -14.59 -7.47 18.18
N SER A 118 -14.65 -8.44 19.09
CA SER A 118 -13.93 -8.32 20.36
C SER A 118 -12.43 -8.55 20.18
N ALA A 119 -12.01 -9.08 19.04
CA ALA A 119 -10.60 -9.33 18.80
C ALA A 119 -9.83 -8.01 18.69
N SER A 120 -8.52 -8.10 18.89
CA SER A 120 -7.61 -6.97 18.74
C SER A 120 -6.67 -7.21 17.56
N THR A 121 -6.26 -6.11 16.94
CA THR A 121 -5.39 -6.16 15.77
C THR A 121 -4.13 -6.97 16.07
N LYS A 122 -3.78 -7.86 15.14
CA LYS A 122 -2.71 -8.82 15.33
C LYS A 122 -2.18 -9.25 13.97
N GLY A 123 -0.86 -9.22 13.80
CA GLY A 123 -0.24 -9.63 12.56
C GLY A 123 -0.21 -11.14 12.43
N PRO A 124 -0.11 -11.65 11.21
CA PRO A 124 -0.13 -13.10 10.99
C PRO A 124 1.18 -13.79 11.35
N SER A 125 1.05 -15.08 11.66
CA SER A 125 2.16 -16.02 11.66
C SER A 125 2.15 -16.68 10.29
N VAL A 126 3.32 -16.83 9.67
CA VAL A 126 3.37 -17.40 8.32
C VAL A 126 4.22 -18.66 8.35
N PHE A 127 3.64 -19.75 7.86
CA PHE A 127 4.28 -21.06 7.88
C PHE A 127 4.39 -21.63 6.48
N PRO A 128 5.46 -22.34 6.18
CA PRO A 128 5.61 -22.92 4.82
C PRO A 128 4.68 -24.11 4.64
N LEU A 129 4.18 -24.24 3.42
CA LEU A 129 3.50 -25.43 2.91
C LEU A 129 4.49 -26.05 1.93
N ALA A 130 5.25 -27.07 2.40
CA ALA A 130 6.47 -27.43 1.66
C ALA A 130 6.18 -28.41 0.53
N PRO A 131 6.83 -28.26 -0.64
CA PRO A 131 6.60 -29.14 -1.80
C PRO A 131 7.05 -30.57 -1.54
N GLY A 139 6.02 -33.89 -12.76
CA GLY A 139 6.79 -32.74 -13.22
C GLY A 139 6.30 -31.41 -12.65
N THR A 140 5.20 -31.45 -11.89
CA THR A 140 4.61 -30.27 -11.28
C THR A 140 4.64 -30.40 -9.76
N ALA A 141 5.13 -29.37 -9.08
CA ALA A 141 5.17 -29.34 -7.63
C ALA A 141 4.29 -28.22 -7.11
N ALA A 142 3.66 -28.44 -5.97
CA ALA A 142 2.83 -27.43 -5.32
C ALA A 142 3.49 -27.00 -4.02
N LEU A 143 3.54 -25.70 -3.78
CA LEU A 143 4.06 -25.19 -2.54
C LEU A 143 3.24 -23.99 -2.12
N GLY A 144 3.45 -23.54 -0.90
CA GLY A 144 2.60 -22.46 -0.44
C GLY A 144 3.01 -21.89 0.89
N CYS A 145 2.18 -20.97 1.39
CA CYS A 145 2.33 -20.36 2.69
C CYS A 145 0.99 -20.37 3.41
N LEU A 146 1.00 -20.81 4.67
CA LEU A 146 -0.16 -20.72 5.55
C LEU A 146 -0.06 -19.42 6.34
N VAL A 147 -1.05 -18.56 6.19
CA VAL A 147 -1.06 -17.21 6.79
C VAL A 147 -2.09 -17.26 7.92
N LYS A 148 -1.62 -17.45 9.15
CA LYS A 148 -2.52 -17.84 10.24
C LYS A 148 -2.64 -16.78 11.32
N ASP A 149 -3.86 -16.64 11.87
CA ASP A 149 -4.11 -15.95 13.14
C ASP A 149 -3.83 -14.47 13.08
N TYR A 150 -4.47 -13.77 12.14
CA TYR A 150 -4.36 -12.32 12.05
C TYR A 150 -5.74 -11.69 12.20
N PHE A 151 -5.73 -10.38 12.46
CA PHE A 151 -6.96 -9.61 12.61
C PHE A 151 -6.66 -8.14 12.42
N PRO A 152 -7.49 -7.40 11.66
CA PRO A 152 -8.63 -7.87 10.89
C PRO A 152 -8.20 -8.16 9.46
N GLU A 153 -9.16 -8.40 8.59
CA GLU A 153 -8.87 -8.41 7.16
C GLU A 153 -8.43 -7.01 6.74
N PRO A 154 -7.69 -6.88 5.63
CA PRO A 154 -7.18 -7.91 4.75
C PRO A 154 -5.67 -8.12 4.84
N VAL A 155 -5.21 -9.21 4.23
CA VAL A 155 -3.78 -9.40 3.97
C VAL A 155 -3.62 -9.47 2.46
N THR A 156 -2.43 -9.12 1.98
CA THR A 156 -2.06 -9.37 0.59
C THR A 156 -0.91 -10.37 0.57
N VAL A 157 -0.87 -11.20 -0.46
CA VAL A 157 0.23 -12.15 -0.63
C VAL A 157 0.74 -12.03 -2.06
N SER A 158 2.05 -11.87 -2.20
CA SER A 158 2.70 -12.00 -3.49
C SER A 158 3.77 -13.10 -3.38
N TRP A 159 4.29 -13.50 -4.53
CA TRP A 159 5.38 -14.47 -4.59
C TRP A 159 6.56 -13.85 -5.33
N ASN A 160 7.75 -13.98 -4.75
CA ASN A 160 8.97 -13.44 -5.35
C ASN A 160 8.80 -11.98 -5.72
N SER A 161 8.16 -11.22 -4.81
CA SER A 161 7.93 -9.79 -4.97
C SER A 161 7.18 -9.44 -6.24
N GLY A 162 6.26 -10.32 -6.66
CA GLY A 162 5.49 -10.12 -7.87
C GLY A 162 6.10 -10.71 -9.12
N ALA A 163 7.32 -11.25 -9.04
CA ALA A 163 7.93 -11.89 -10.19
C ALA A 163 7.30 -13.24 -10.51
N LEU A 164 6.61 -13.85 -9.54
CA LEU A 164 5.92 -15.12 -9.76
C LEU A 164 4.42 -14.88 -9.64
N THR A 165 3.71 -15.00 -10.76
CA THR A 165 2.26 -14.81 -10.75
C THR A 165 1.52 -15.99 -11.35
N SER A 166 2.07 -16.64 -12.36
CA SER A 166 1.38 -17.76 -12.98
C SER A 166 1.20 -18.91 -11.99
N GLY A 167 0.00 -19.47 -11.94
CA GLY A 167 -0.27 -20.62 -11.10
C GLY A 167 -0.48 -20.31 -9.63
N VAL A 168 -0.55 -19.04 -9.26
CA VAL A 168 -0.78 -18.68 -7.87
C VAL A 168 -2.27 -18.70 -7.58
N HIS A 169 -2.64 -19.29 -6.44
CA HIS A 169 -3.99 -19.22 -5.91
C HIS A 169 -3.90 -18.79 -4.45
N THR A 170 -4.40 -17.60 -4.16
CA THR A 170 -4.50 -17.12 -2.80
C THR A 170 -5.96 -17.23 -2.38
N PHE A 171 -6.21 -18.08 -1.38
CA PHE A 171 -7.57 -18.42 -0.97
C PHE A 171 -8.21 -17.31 -0.14
N PRO A 172 -9.53 -17.18 -0.22
CA PRO A 172 -10.24 -16.28 0.68
C PRO A 172 -10.01 -16.70 2.13
N ALA A 173 -9.92 -15.70 3.00
CA ALA A 173 -9.71 -15.98 4.41
C ALA A 173 -10.93 -16.68 5.00
N VAL A 174 -10.69 -17.47 6.03
CA VAL A 174 -11.78 -17.98 6.87
C VAL A 174 -11.62 -17.35 8.24
N LEU A 175 -12.76 -17.09 8.87
CA LEU A 175 -12.78 -16.64 10.25
C LEU A 175 -12.84 -17.86 11.16
N GLN A 176 -11.84 -18.00 12.02
CA GLN A 176 -11.76 -19.12 12.95
C GLN A 176 -12.56 -18.82 14.21
N SER A 177 -12.85 -19.87 14.98
CA SER A 177 -13.62 -19.68 16.21
C SER A 177 -12.90 -18.80 17.22
N SER A 178 -11.59 -18.63 17.08
CA SER A 178 -10.82 -17.73 17.92
C SER A 178 -11.10 -16.26 17.66
N GLY A 179 -11.79 -15.92 16.57
CA GLY A 179 -11.93 -14.55 16.15
C GLY A 179 -10.83 -14.04 15.25
N LEU A 180 -9.85 -14.89 14.92
CA LEU A 180 -8.76 -14.52 14.04
C LEU A 180 -8.96 -15.19 12.70
N TYR A 181 -8.41 -14.57 11.66
CA TYR A 181 -8.53 -15.06 10.29
C TYR A 181 -7.32 -15.91 9.93
N SER A 182 -7.50 -16.73 8.89
CA SER A 182 -6.42 -17.52 8.33
C SER A 182 -6.70 -17.75 6.86
N LEU A 183 -5.63 -17.81 6.08
CA LEU A 183 -5.76 -18.20 4.67
C LEU A 183 -4.48 -18.91 4.27
N SER A 184 -4.54 -19.57 3.11
CA SER A 184 -3.35 -20.10 2.47
C SER A 184 -3.18 -19.50 1.09
N SER A 185 -1.93 -19.43 0.63
CA SER A 185 -1.62 -19.06 -0.74
C SER A 185 -0.72 -20.15 -1.28
N VAL A 186 -1.03 -20.65 -2.48
CA VAL A 186 -0.28 -21.75 -3.08
C VAL A 186 0.14 -21.36 -4.49
N VAL A 187 1.14 -22.06 -5.01
CA VAL A 187 1.58 -21.89 -6.39
C VAL A 187 2.08 -23.24 -6.87
N THR A 188 1.82 -23.56 -8.12
CA THR A 188 2.42 -24.75 -8.70
C THR A 188 3.55 -24.32 -9.63
N VAL A 189 4.67 -25.05 -9.56
CA VAL A 189 5.87 -24.74 -10.33
C VAL A 189 6.42 -26.03 -10.91
N PRO A 190 7.25 -25.94 -11.94
CA PRO A 190 7.91 -27.16 -12.45
C PRO A 190 8.77 -27.78 -11.37
N SER A 191 8.65 -29.10 -11.22
CA SER A 191 9.50 -29.81 -10.27
C SER A 191 10.99 -29.54 -10.55
N SER A 192 11.35 -29.37 -11.83
CA SER A 192 12.73 -29.14 -12.20
C SER A 192 13.24 -27.80 -11.67
N SER A 193 12.36 -26.84 -11.43
CA SER A 193 12.79 -25.52 -10.99
C SER A 193 13.20 -25.49 -9.52
N LEU A 194 12.90 -26.54 -8.74
CA LEU A 194 13.13 -26.49 -7.30
C LEU A 194 14.60 -26.35 -6.93
N GLY A 195 15.52 -26.57 -7.85
CA GLY A 195 16.94 -26.43 -7.56
C GLY A 195 17.56 -25.16 -8.11
N THR A 196 16.91 -24.57 -9.11
CA THR A 196 17.38 -23.35 -9.75
C THR A 196 16.63 -22.10 -9.30
N GLN A 197 15.53 -22.25 -8.56
CA GLN A 197 14.72 -21.12 -8.14
C GLN A 197 14.48 -21.17 -6.64
N THR A 198 14.34 -19.99 -6.05
CA THR A 198 13.98 -19.86 -4.65
C THR A 198 12.63 -19.16 -4.59
N TYR A 199 11.72 -19.70 -3.79
CA TYR A 199 10.36 -19.19 -3.70
C TYR A 199 10.10 -18.58 -2.33
N ILE A 200 9.63 -17.34 -2.32
CA ILE A 200 9.35 -16.62 -1.08
C ILE A 200 7.97 -15.99 -1.22
N CYS A 201 7.09 -16.23 -0.25
CA CYS A 201 5.81 -15.54 -0.21
C CYS A 201 5.96 -14.26 0.61
N ASN A 202 5.48 -13.16 0.06
CA ASN A 202 5.53 -11.86 0.72
C ASN A 202 4.14 -11.55 1.24
N VAL A 203 3.99 -11.53 2.56
CA VAL A 203 2.71 -11.31 3.22
C VAL A 203 2.71 -9.90 3.83
N ASN A 204 1.71 -9.11 3.49
CA ASN A 204 1.58 -7.73 4.00
C ASN A 204 0.26 -7.63 4.74
N HIS A 205 0.32 -7.26 6.02
CA HIS A 205 -0.88 -7.03 6.84
C HIS A 205 -0.83 -5.57 7.28
N LYS A 206 -1.31 -4.68 6.41
CA LYS A 206 -1.30 -3.25 6.72
C LYS A 206 -2.04 -2.89 8.01
N PRO A 207 -3.16 -3.52 8.38
CA PRO A 207 -3.80 -3.13 9.65
C PRO A 207 -2.89 -3.21 10.87
N SER A 208 -1.91 -4.12 10.87
CA SER A 208 -0.96 -4.22 11.97
C SER A 208 0.43 -3.73 11.61
N ASN A 209 0.61 -3.16 10.41
CA ASN A 209 1.92 -2.69 9.97
C ASN A 209 2.97 -3.81 10.02
N THR A 210 2.56 -5.00 9.58
CA THR A 210 3.41 -6.19 9.64
C THR A 210 3.61 -6.73 8.23
N LYS A 211 4.86 -7.07 7.90
CA LYS A 211 5.17 -7.79 6.67
C LYS A 211 6.01 -8.99 7.04
N VAL A 212 5.71 -10.15 6.43
CA VAL A 212 6.49 -11.36 6.63
C VAL A 212 6.88 -11.89 5.27
N ASP A 213 8.15 -12.27 5.11
CA ASP A 213 8.63 -12.92 3.89
C ASP A 213 9.13 -14.31 4.28
N LYS A 214 8.48 -15.34 3.77
CA LYS A 214 8.78 -16.71 4.19
C LYS A 214 9.25 -17.52 2.99
N LYS A 215 10.47 -18.05 3.10
CA LYS A 215 10.99 -18.93 2.07
C LYS A 215 10.37 -20.31 2.20
N VAL A 216 10.01 -20.89 1.07
CA VAL A 216 9.34 -22.20 1.03
C VAL A 216 10.22 -23.14 0.23
N GLU A 217 10.82 -24.11 0.93
CA GLU A 217 11.83 -25.04 0.47
C GLU A 217 11.34 -26.47 0.62
N PRO A 218 11.78 -27.38 -0.25
CA PRO A 218 11.50 -28.80 -0.02
C PRO A 218 12.11 -29.22 1.31
N LYS A 219 11.32 -29.92 2.11
CA LYS A 219 11.80 -30.48 3.37
C LYS A 219 12.08 -31.98 3.19
N GLU B 1 -43.69 -4.29 2.73
CA GLU B 1 -42.63 -3.91 1.82
C GLU B 1 -42.42 -4.99 0.75
N VAL B 2 -41.99 -4.57 -0.43
CA VAL B 2 -41.71 -5.53 -1.50
C VAL B 2 -40.52 -6.39 -1.11
N VAL B 3 -40.65 -7.70 -1.39
CA VAL B 3 -39.56 -8.67 -1.22
C VAL B 3 -39.25 -9.26 -2.59
N LEU B 4 -37.96 -9.29 -2.94
CA LEU B 4 -37.50 -9.78 -4.23
C LEU B 4 -36.82 -11.12 -4.03
N THR B 5 -37.17 -12.11 -4.86
CA THR B 5 -36.56 -13.43 -4.81
C THR B 5 -36.02 -13.75 -6.18
N GLN B 6 -34.71 -13.99 -6.26
CA GLN B 6 -34.08 -14.31 -7.53
C GLN B 6 -33.93 -15.82 -7.72
N SER B 7 -33.92 -16.24 -8.98
CA SER B 7 -33.64 -17.62 -9.33
C SER B 7 -32.94 -17.66 -10.67
N PRO B 8 -32.08 -18.66 -10.92
CA PRO B 8 -31.62 -19.69 -9.98
C PRO B 8 -30.59 -19.08 -9.04
N GLY B 9 -30.14 -19.85 -8.04
CA GLY B 9 -29.04 -19.36 -7.22
C GLY B 9 -27.74 -19.29 -7.99
N THR B 10 -27.44 -20.34 -8.76
CA THR B 10 -26.28 -20.38 -9.64
C THR B 10 -26.73 -20.81 -11.04
N LEU B 11 -26.24 -20.10 -12.05
CA LEU B 11 -26.46 -20.41 -13.45
C LEU B 11 -25.11 -20.71 -14.08
N SER B 12 -24.99 -21.85 -14.75
CA SER B 12 -23.72 -22.28 -15.35
C SER B 12 -23.93 -22.39 -16.85
N LEU B 13 -23.29 -21.50 -17.60
CA LEU B 13 -23.46 -21.45 -19.05
C LEU B 13 -22.10 -21.20 -19.71
N SER B 14 -21.99 -21.62 -20.99
CA SER B 14 -20.76 -21.40 -21.74
C SER B 14 -20.79 -20.09 -22.51
N PRO B 15 -19.63 -19.54 -22.82
CA PRO B 15 -19.60 -18.33 -23.67
C PRO B 15 -20.40 -18.56 -24.93
N GLY B 16 -21.10 -17.52 -25.36
CA GLY B 16 -21.94 -17.59 -26.54
C GLY B 16 -23.37 -18.06 -26.28
N GLU B 17 -23.68 -18.64 -25.13
CA GLU B 17 -25.03 -19.09 -24.85
C GLU B 17 -25.87 -17.95 -24.27
N ARG B 18 -27.16 -18.22 -24.08
CA ARG B 18 -28.10 -17.21 -23.62
C ARG B 18 -28.43 -17.46 -22.16
N ALA B 19 -28.31 -16.41 -21.34
CA ALA B 19 -28.60 -16.50 -19.91
C ALA B 19 -29.94 -15.85 -19.61
N THR B 20 -30.77 -16.53 -18.83
CA THR B 20 -32.06 -16.03 -18.36
C THR B 20 -32.03 -15.98 -16.84
N LEU B 21 -32.05 -14.77 -16.27
CA LEU B 21 -32.05 -14.56 -14.82
C LEU B 21 -33.40 -14.03 -14.40
N SER B 22 -33.98 -14.62 -13.35
CA SER B 22 -35.31 -14.29 -12.89
C SER B 22 -35.30 -13.52 -11.57
N CYS B 23 -36.26 -12.60 -11.45
CA CYS B 23 -36.51 -11.86 -10.22
C CYS B 23 -38.01 -11.82 -10.03
N ARG B 24 -38.49 -12.30 -8.88
CA ARG B 24 -39.92 -12.35 -8.58
C ARG B 24 -40.22 -11.45 -7.40
N ALA B 25 -41.20 -10.56 -7.56
CA ALA B 25 -41.60 -9.63 -6.53
C ALA B 25 -42.79 -10.18 -5.77
N SER B 26 -42.84 -9.90 -4.45
CA SER B 26 -43.88 -10.42 -3.57
C SER B 26 -45.24 -9.77 -3.84
N GLN B 27 -45.26 -8.67 -4.57
CA GLN B 27 -46.50 -8.02 -4.97
C GLN B 27 -46.28 -7.45 -6.36
N SER B 28 -47.37 -7.18 -7.05
CA SER B 28 -47.25 -6.68 -8.42
C SER B 28 -46.63 -5.29 -8.43
N ILE B 29 -45.71 -5.07 -9.36
CA ILE B 29 -45.04 -3.78 -9.51
C ILE B 29 -44.95 -3.42 -10.99
N THR B 30 -44.74 -2.13 -11.23
CA THR B 30 -44.35 -1.64 -12.53
C THR B 30 -42.82 -1.73 -12.64
N GLY B 31 -42.34 -2.23 -13.78
CA GLY B 31 -40.91 -2.50 -13.93
C GLY B 31 -40.01 -1.27 -13.88
N ARG B 32 -40.59 -0.07 -14.01
CA ARG B 32 -39.88 1.18 -13.82
C ARG B 32 -39.23 1.25 -12.43
N TYR B 33 -39.72 0.47 -11.48
CA TYR B 33 -39.23 0.50 -10.11
C TYR B 33 -38.28 -0.65 -9.81
N LEU B 34 -37.82 -1.34 -10.85
CA LEU B 34 -36.87 -2.44 -10.71
C LEU B 34 -35.61 -2.09 -11.49
N ALA B 35 -34.46 -2.39 -10.89
CA ALA B 35 -33.18 -2.20 -11.55
C ALA B 35 -32.32 -3.44 -11.36
N TRP B 36 -31.43 -3.67 -12.33
CA TRP B 36 -30.52 -4.80 -12.32
C TRP B 36 -29.07 -4.31 -12.20
N TYR B 37 -28.27 -5.06 -11.45
CA TYR B 37 -26.88 -4.72 -11.19
C TYR B 37 -25.99 -5.93 -11.44
N GLN B 38 -24.78 -5.67 -11.87
CA GLN B 38 -23.72 -6.67 -12.02
C GLN B 38 -22.66 -6.39 -10.98
N GLN B 39 -22.15 -7.43 -10.33
CA GLN B 39 -21.05 -7.23 -9.39
C GLN B 39 -20.00 -8.30 -9.55
N LYS B 40 -18.76 -7.83 -9.71
CA LYS B 40 -17.62 -8.76 -9.84
C LYS B 40 -16.78 -8.72 -8.57
N PRO B 41 -15.98 -9.77 -8.31
CA PRO B 41 -15.18 -9.83 -7.10
C PRO B 41 -14.30 -8.60 -6.91
N GLY B 42 -14.38 -8.02 -5.70
CA GLY B 42 -13.53 -6.87 -5.37
C GLY B 42 -14.07 -5.53 -5.83
N GLN B 43 -15.29 -5.51 -6.38
CA GLN B 43 -15.78 -4.27 -6.96
C GLN B 43 -17.16 -3.94 -6.42
N ALA B 44 -17.49 -2.65 -6.49
CA ALA B 44 -18.86 -2.21 -6.28
C ALA B 44 -19.76 -2.75 -7.39
N PRO B 45 -21.06 -2.86 -7.14
CA PRO B 45 -21.99 -3.23 -8.21
C PRO B 45 -22.06 -2.15 -9.28
N ARG B 46 -22.52 -2.57 -10.46
CA ARG B 46 -22.67 -1.69 -11.62
C ARG B 46 -24.10 -1.77 -12.15
N LEU B 47 -24.75 -0.61 -12.27
CA LEU B 47 -26.11 -0.53 -12.78
C LEU B 47 -26.16 -0.94 -14.25
N LEU B 48 -27.15 -1.76 -14.60
CA LEU B 48 -27.28 -2.28 -15.96
C LEU B 48 -28.50 -1.77 -16.70
N MET B 49 -29.66 -1.84 -16.07
CA MET B 49 -30.93 -1.93 -16.80
C MET B 49 -32.05 -1.72 -15.79
N TYR B 50 -33.16 -1.18 -16.26
CA TYR B 50 -34.38 -1.16 -15.44
C TYR B 50 -35.31 -2.26 -15.90
N GLY B 51 -36.37 -2.48 -15.13
CA GLY B 51 -37.14 -3.71 -15.26
C GLY B 51 -37.77 -3.90 -16.61
N GLU B 52 -37.97 -2.79 -17.32
CA GLU B 52 -38.58 -2.71 -18.64
C GLU B 52 -37.58 -2.82 -19.78
N SER B 53 -36.39 -3.38 -19.54
CA SER B 53 -35.35 -3.56 -20.56
C SER B 53 -34.62 -2.27 -20.95
N SER B 54 -34.91 -1.14 -20.30
CA SER B 54 -34.25 0.12 -20.62
C SER B 54 -32.83 0.11 -20.07
N ARG B 55 -31.84 0.10 -20.95
CA ARG B 55 -30.44 0.03 -20.54
C ARG B 55 -29.88 1.43 -20.30
N VAL B 56 -28.92 1.52 -19.37
CA VAL B 56 -28.23 2.77 -19.11
C VAL B 56 -27.08 2.92 -20.09
N THR B 57 -26.47 4.10 -20.12
CA THR B 57 -25.45 4.37 -21.13
C THR B 57 -24.28 3.40 -21.01
N GLY B 58 -23.81 2.91 -22.16
CA GLY B 58 -22.67 2.01 -22.19
C GLY B 58 -22.96 0.55 -22.00
N ILE B 59 -24.22 0.16 -21.87
CA ILE B 59 -24.54 -1.26 -21.66
C ILE B 59 -24.82 -1.91 -23.02
N PRO B 60 -24.18 -3.02 -23.32
CA PRO B 60 -24.31 -3.64 -24.65
C PRO B 60 -25.72 -4.13 -24.98
N ASP B 61 -25.97 -4.23 -26.28
CA ASP B 61 -27.26 -4.66 -26.80
C ASP B 61 -27.66 -6.07 -26.37
N ARG B 62 -26.69 -6.91 -26.01
CA ARG B 62 -27.03 -8.29 -25.67
C ARG B 62 -27.74 -8.40 -24.33
N PHE B 63 -27.78 -7.31 -23.53
CA PHE B 63 -28.57 -7.25 -22.30
C PHE B 63 -29.98 -6.76 -22.60
N SER B 64 -30.97 -7.56 -22.24
CA SER B 64 -32.36 -7.18 -22.42
C SER B 64 -33.17 -7.71 -21.24
N GLY B 65 -34.46 -7.39 -21.23
CA GLY B 65 -35.26 -7.88 -20.13
C GLY B 65 -36.73 -7.71 -20.43
N GLY B 66 -37.55 -8.17 -19.51
CA GLY B 66 -38.98 -8.02 -19.68
C GLY B 66 -39.73 -8.46 -18.45
N GLY B 67 -40.95 -8.00 -18.37
CA GLY B 67 -41.83 -8.44 -17.31
C GLY B 67 -42.83 -7.37 -16.96
N SER B 68 -43.78 -7.78 -16.15
CA SER B 68 -44.83 -6.92 -15.62
C SER B 68 -45.48 -7.71 -14.51
N GLY B 69 -46.06 -7.02 -13.54
CA GLY B 69 -46.66 -7.72 -12.43
C GLY B 69 -45.63 -8.22 -11.43
N THR B 70 -45.55 -9.53 -11.24
CA THR B 70 -44.60 -10.04 -10.26
C THR B 70 -43.33 -10.63 -10.85
N ASP B 71 -43.30 -10.97 -12.13
CA ASP B 71 -42.17 -11.74 -12.69
C ASP B 71 -41.37 -10.89 -13.68
N PHE B 72 -40.05 -10.85 -13.47
CA PHE B 72 -39.15 -10.07 -14.31
C PHE B 72 -37.94 -10.91 -14.67
N THR B 73 -37.36 -10.61 -15.82
CA THR B 73 -36.24 -11.38 -16.35
C THR B 73 -35.17 -10.43 -16.86
N LEU B 74 -33.92 -10.79 -16.61
CA LEU B 74 -32.77 -10.21 -17.31
C LEU B 74 -32.22 -11.29 -18.24
N THR B 75 -32.08 -10.96 -19.51
CA THR B 75 -31.61 -11.89 -20.53
C THR B 75 -30.31 -11.36 -21.12
N ILE B 76 -29.27 -12.20 -21.12
CA ILE B 76 -27.99 -11.88 -21.75
C ILE B 76 -27.82 -12.86 -22.89
N SER B 77 -27.83 -12.37 -24.14
CA SER B 77 -28.21 -13.21 -25.29
C SER B 77 -27.06 -14.03 -25.87
N ARG B 78 -25.82 -13.51 -25.85
CA ARG B 78 -24.64 -14.14 -26.47
C ARG B 78 -23.47 -13.91 -25.53
N LEU B 79 -23.40 -14.72 -24.46
CA LEU B 79 -22.55 -14.43 -23.32
C LEU B 79 -21.08 -14.22 -23.70
N GLU B 80 -20.50 -13.16 -23.17
CA GLU B 80 -19.08 -12.86 -23.27
C GLU B 80 -18.39 -13.16 -21.96
N PRO B 81 -17.08 -13.39 -21.98
CA PRO B 81 -16.36 -13.65 -20.71
C PRO B 81 -16.60 -12.60 -19.65
N GLU B 82 -16.74 -11.33 -20.03
CA GLU B 82 -16.90 -10.27 -19.04
C GLU B 82 -18.29 -10.26 -18.40
N ASP B 83 -19.21 -11.10 -18.87
CA ASP B 83 -20.58 -11.13 -18.35
C ASP B 83 -20.75 -12.05 -17.14
N PHE B 84 -19.75 -12.89 -16.86
CA PHE B 84 -19.88 -13.83 -15.76
C PHE B 84 -19.54 -13.13 -14.45
N ALA B 85 -20.51 -13.10 -13.55
CA ALA B 85 -20.51 -12.22 -12.39
C ALA B 85 -21.74 -12.58 -11.56
N VAL B 86 -21.93 -11.85 -10.45
CA VAL B 86 -23.14 -11.96 -9.66
C VAL B 86 -24.10 -10.87 -10.12
N TYR B 87 -25.39 -11.20 -10.21
CA TYR B 87 -26.41 -10.24 -10.64
C TYR B 87 -27.45 -10.07 -9.54
N TYR B 88 -27.80 -8.81 -9.26
CA TYR B 88 -28.82 -8.50 -8.27
C TYR B 88 -29.95 -7.72 -8.92
N CYS B 89 -31.19 -7.98 -8.51
CA CYS B 89 -32.26 -7.04 -8.79
C CYS B 89 -32.52 -6.18 -7.57
N GLN B 90 -33.16 -5.04 -7.82
CA GLN B 90 -33.39 -4.03 -6.80
C GLN B 90 -34.75 -3.40 -7.06
N HIS B 91 -35.52 -3.16 -6.00
CA HIS B 91 -36.80 -2.46 -6.13
C HIS B 91 -36.75 -1.21 -5.28
N PHE B 92 -37.39 -0.14 -5.75
CA PHE B 92 -37.45 1.10 -4.97
C PHE B 92 -38.84 1.69 -4.97
N ALA B 93 -39.14 2.33 -3.86
CA ALA B 93 -40.39 3.03 -3.58
C ALA B 93 -40.04 4.37 -2.96
N SER B 94 -40.90 5.37 -3.21
CA SER B 94 -40.63 6.71 -2.72
C SER B 94 -41.47 7.11 -1.53
N SER B 95 -42.52 6.37 -1.20
CA SER B 95 -43.47 6.81 -0.17
C SER B 95 -43.91 5.63 0.69
N PRO B 96 -43.19 5.36 1.80
CA PRO B 96 -41.98 6.06 2.22
C PRO B 96 -40.77 5.50 1.48
N PRO B 97 -39.69 6.28 1.38
CA PRO B 97 -38.51 5.78 0.66
C PRO B 97 -38.03 4.44 1.18
N THR B 98 -37.94 3.46 0.28
CA THR B 98 -37.62 2.09 0.64
C THR B 98 -36.98 1.43 -0.58
N TYR B 99 -35.76 0.89 -0.40
CA TYR B 99 -35.11 0.09 -1.43
C TYR B 99 -34.92 -1.32 -0.88
N THR B 100 -34.96 -2.30 -1.77
CA THR B 100 -34.60 -3.66 -1.39
C THR B 100 -33.87 -4.33 -2.55
N PHE B 101 -33.20 -5.43 -2.24
CA PHE B 101 -32.43 -6.20 -3.21
C PHE B 101 -32.85 -7.66 -3.18
N GLY B 102 -32.82 -8.31 -4.34
CA GLY B 102 -32.83 -9.75 -4.36
C GLY B 102 -31.54 -10.29 -3.78
N GLN B 103 -31.50 -11.60 -3.57
CA GLN B 103 -30.37 -12.24 -2.90
C GLN B 103 -29.21 -12.54 -3.85
N GLY B 104 -29.38 -12.33 -5.14
CA GLY B 104 -28.32 -12.50 -6.14
C GLY B 104 -28.40 -13.84 -6.85
N THR B 105 -27.97 -13.85 -8.12
CA THR B 105 -27.73 -15.05 -8.91
C THR B 105 -26.29 -15.01 -9.39
N LYS B 106 -25.55 -16.10 -9.16
CA LYS B 106 -24.18 -16.23 -9.66
C LYS B 106 -24.22 -16.83 -11.05
N LEU B 107 -23.67 -16.11 -12.02
CA LEU B 107 -23.55 -16.60 -13.39
C LEU B 107 -22.09 -16.97 -13.61
N GLU B 108 -21.84 -18.28 -13.71
CA GLU B 108 -20.52 -18.90 -13.75
C GLU B 108 -20.33 -19.62 -15.08
N ILE B 109 -19.07 -19.81 -15.46
CA ILE B 109 -18.78 -20.42 -16.75
C ILE B 109 -18.87 -21.93 -16.65
N ARG B 110 -19.70 -22.52 -17.50
CA ARG B 110 -19.69 -23.96 -17.69
C ARG B 110 -18.61 -24.31 -18.70
N ARG B 111 -17.75 -25.27 -18.33
CA ARG B 111 -16.72 -25.82 -19.19
C ARG B 111 -16.76 -27.32 -18.97
N THR B 112 -15.91 -28.04 -19.69
CA THR B 112 -15.86 -29.49 -19.49
C THR B 112 -15.28 -29.85 -18.11
N VAL B 113 -15.64 -31.06 -17.65
CA VAL B 113 -15.13 -31.57 -16.39
C VAL B 113 -13.60 -31.61 -16.40
N ALA B 114 -13.01 -31.18 -15.30
CA ALA B 114 -11.58 -31.26 -15.07
C ALA B 114 -11.35 -31.78 -13.67
N ALA B 115 -10.57 -32.87 -13.56
CA ALA B 115 -10.33 -33.46 -12.26
C ALA B 115 -9.32 -32.62 -11.47
N PRO B 116 -9.46 -32.58 -10.15
CA PRO B 116 -8.46 -31.86 -9.34
C PRO B 116 -7.13 -32.60 -9.30
N SER B 117 -6.05 -31.84 -9.23
CA SER B 117 -4.78 -32.38 -8.80
C SER B 117 -4.67 -32.14 -7.30
N VAL B 118 -4.34 -33.18 -6.53
CA VAL B 118 -4.44 -33.15 -5.08
C VAL B 118 -3.04 -33.19 -4.46
N PHE B 119 -2.86 -32.39 -3.40
CA PHE B 119 -1.60 -32.27 -2.67
C PHE B 119 -1.90 -32.18 -1.18
N ILE B 120 -1.06 -32.79 -0.36
CA ILE B 120 -1.21 -32.71 1.10
C ILE B 120 0.06 -32.12 1.69
N PHE B 121 -0.11 -31.28 2.71
CA PHE B 121 0.98 -30.56 3.36
C PHE B 121 0.94 -30.82 4.86
N PRO B 122 2.00 -31.34 5.45
CA PRO B 122 2.03 -31.50 6.91
C PRO B 122 2.24 -30.16 7.59
N PRO B 123 2.01 -30.06 8.90
CA PRO B 123 2.34 -28.81 9.60
C PRO B 123 3.84 -28.63 9.63
N SER B 124 4.25 -27.37 9.66
CA SER B 124 5.66 -27.05 9.82
C SER B 124 6.10 -27.32 11.25
N ASP B 125 7.38 -27.66 11.40
CA ASP B 125 7.94 -27.77 12.75
C ASP B 125 7.80 -26.46 13.52
N GLU B 126 7.97 -25.33 12.84
CA GLU B 126 7.79 -24.03 13.48
C GLU B 126 6.39 -23.89 14.07
N GLN B 127 5.35 -24.22 13.31
CA GLN B 127 4.00 -24.13 13.87
C GLN B 127 3.83 -25.05 15.06
N LEU B 128 4.34 -26.29 14.98
CA LEU B 128 4.16 -27.23 16.07
C LEU B 128 4.69 -26.69 17.39
N LYS B 129 5.78 -25.92 17.35
CA LYS B 129 6.32 -25.31 18.57
C LYS B 129 5.27 -24.46 19.28
N SER B 130 4.35 -23.87 18.53
CA SER B 130 3.35 -22.99 19.09
C SER B 130 2.15 -23.73 19.67
N GLY B 131 2.08 -25.06 19.53
CA GLY B 131 1.03 -25.84 20.14
C GLY B 131 -0.13 -26.21 19.24
N THR B 132 -0.07 -25.85 17.96
CA THR B 132 -1.14 -26.14 17.02
C THR B 132 -0.55 -26.77 15.76
N ALA B 133 -1.31 -27.68 15.16
CA ALA B 133 -0.95 -28.31 13.91
C ALA B 133 -2.05 -28.02 12.90
N SER B 134 -1.68 -27.44 11.76
CA SER B 134 -2.59 -27.28 10.63
C SER B 134 -2.10 -28.21 9.52
N VAL B 135 -2.98 -29.09 9.03
CA VAL B 135 -2.69 -29.96 7.90
C VAL B 135 -3.53 -29.47 6.73
N VAL B 136 -2.92 -29.29 5.57
CA VAL B 136 -3.60 -28.66 4.46
C VAL B 136 -3.68 -29.62 3.28
N CYS B 137 -4.88 -29.75 2.70
CA CYS B 137 -5.11 -30.49 1.48
C CYS B 137 -5.50 -29.49 0.40
N LEU B 138 -4.80 -29.53 -0.73
CA LEU B 138 -5.07 -28.65 -1.87
C LEU B 138 -5.66 -29.45 -3.03
N LEU B 139 -6.80 -28.98 -3.57
CA LEU B 139 -7.40 -29.52 -4.78
C LEU B 139 -7.24 -28.44 -5.84
N ASN B 140 -6.43 -28.69 -6.86
CA ASN B 140 -6.04 -27.63 -7.79
C ASN B 140 -6.67 -27.78 -9.17
N ASN B 141 -7.26 -26.67 -9.66
CA ASN B 141 -7.70 -26.48 -11.05
C ASN B 141 -8.67 -27.58 -11.51
N PHE B 142 -9.86 -27.55 -10.91
CA PHE B 142 -10.89 -28.54 -11.22
C PHE B 142 -12.18 -27.86 -11.61
N TYR B 143 -13.06 -28.63 -12.24
CA TYR B 143 -14.38 -28.14 -12.63
C TYR B 143 -15.28 -29.37 -12.72
N PRO B 144 -16.51 -29.31 -12.19
CA PRO B 144 -17.18 -28.18 -11.53
C PRO B 144 -16.74 -27.96 -10.10
N ARG B 145 -17.30 -26.90 -9.49
CA ARG B 145 -16.86 -26.45 -8.18
C ARG B 145 -17.16 -27.47 -7.09
N GLU B 146 -18.19 -28.30 -7.27
CA GLU B 146 -18.57 -29.26 -6.24
C GLU B 146 -17.50 -30.35 -6.09
N ALA B 147 -17.09 -30.59 -4.85
CA ALA B 147 -16.08 -31.58 -4.51
C ALA B 147 -16.29 -32.02 -3.08
N LYS B 148 -15.88 -33.25 -2.78
CA LYS B 148 -15.97 -33.79 -1.42
C LYS B 148 -14.58 -34.12 -0.90
N VAL B 149 -14.24 -33.58 0.27
CA VAL B 149 -12.96 -33.82 0.93
C VAL B 149 -13.21 -34.42 2.30
N GLN B 150 -12.63 -35.59 2.56
CA GLN B 150 -12.72 -36.27 3.85
C GLN B 150 -11.32 -36.41 4.43
N TRP B 151 -11.17 -36.10 5.71
CA TRP B 151 -9.92 -36.31 6.42
C TRP B 151 -9.97 -37.59 7.23
N LYS B 152 -8.89 -38.35 7.19
CA LYS B 152 -8.77 -39.55 8.01
C LYS B 152 -7.43 -39.51 8.74
N VAL B 153 -7.48 -39.73 10.05
CA VAL B 153 -6.29 -39.73 10.89
C VAL B 153 -6.18 -41.11 11.50
N ASP B 154 -5.14 -41.85 11.13
CA ASP B 154 -5.02 -43.27 11.48
C ASP B 154 -6.31 -44.02 11.11
N ASN B 155 -6.79 -43.74 9.89
CA ASN B 155 -7.99 -44.31 9.28
C ASN B 155 -9.28 -43.96 10.01
N ALA B 156 -9.24 -42.98 10.92
CA ALA B 156 -10.43 -42.54 11.63
C ALA B 156 -10.96 -41.27 10.97
N LEU B 157 -12.19 -41.35 10.46
CA LEU B 157 -12.79 -40.21 9.79
C LEU B 157 -12.95 -39.03 10.76
N GLN B 158 -12.55 -37.85 10.30
CA GLN B 158 -12.61 -36.63 11.09
C GLN B 158 -13.90 -35.87 10.80
N SER B 159 -14.43 -35.23 11.84
CA SER B 159 -15.61 -34.38 11.70
C SER B 159 -15.47 -33.18 12.62
N GLY B 160 -15.81 -32.01 12.10
CA GLY B 160 -15.91 -30.80 12.88
C GLY B 160 -14.61 -30.02 13.05
N ASN B 161 -13.48 -30.53 12.55
CA ASN B 161 -12.19 -29.90 12.80
C ASN B 161 -11.52 -29.47 11.50
N SER B 162 -12.29 -29.23 10.46
CA SER B 162 -11.73 -28.76 9.20
C SER B 162 -12.59 -27.64 8.63
N GLN B 163 -11.94 -26.81 7.79
CA GLN B 163 -12.58 -25.68 7.13
C GLN B 163 -12.08 -25.64 5.68
N GLU B 164 -12.98 -25.34 4.76
CA GLU B 164 -12.67 -25.27 3.34
C GLU B 164 -12.73 -23.82 2.86
N SER B 165 -11.92 -23.51 1.85
CA SER B 165 -12.01 -22.24 1.14
C SER B 165 -11.86 -22.54 -0.35
N VAL B 166 -12.54 -21.76 -1.17
CA VAL B 166 -12.53 -21.97 -2.61
C VAL B 166 -12.20 -20.65 -3.30
N THR B 167 -11.40 -20.73 -4.36
CA THR B 167 -11.08 -19.53 -5.12
C THR B 167 -12.25 -19.14 -6.01
N GLU B 168 -12.20 -17.92 -6.53
CA GLU B 168 -13.12 -17.56 -7.59
C GLU B 168 -12.69 -18.27 -8.86
N GLN B 169 -13.65 -18.45 -9.78
CA GLN B 169 -13.37 -19.11 -11.04
C GLN B 169 -12.22 -18.44 -11.79
N ASP B 170 -11.29 -19.25 -12.28
CA ASP B 170 -10.12 -18.71 -12.94
C ASP B 170 -10.49 -18.01 -14.25
N SER B 171 -9.92 -16.82 -14.49
CA SER B 171 -10.31 -16.00 -15.63
C SER B 171 -9.89 -16.59 -16.97
N LYS B 172 -8.93 -17.51 -16.99
CA LYS B 172 -8.41 -18.10 -18.23
C LYS B 172 -8.82 -19.54 -18.47
N ASP B 173 -8.80 -20.42 -17.47
CA ASP B 173 -9.18 -21.80 -17.72
C ASP B 173 -10.51 -22.21 -17.10
N SER B 174 -11.17 -21.29 -16.37
CA SER B 174 -12.52 -21.47 -15.82
C SER B 174 -12.60 -22.59 -14.79
N THR B 175 -11.48 -22.91 -14.13
CA THR B 175 -11.46 -23.90 -13.06
C THR B 175 -11.52 -23.21 -11.69
N TYR B 176 -11.65 -24.05 -10.68
CA TYR B 176 -11.64 -23.65 -9.27
C TYR B 176 -10.48 -24.36 -8.60
N SER B 177 -10.03 -23.79 -7.46
CA SER B 177 -9.16 -24.52 -6.55
C SER B 177 -9.74 -24.42 -5.15
N LEU B 178 -9.39 -25.39 -4.32
CA LEU B 178 -9.99 -25.52 -3.00
C LEU B 178 -8.93 -25.95 -2.01
N SER B 179 -8.98 -25.34 -0.83
CA SER B 179 -8.17 -25.82 0.30
C SER B 179 -9.08 -26.38 1.39
N SER B 180 -8.62 -27.44 2.04
CA SER B 180 -9.24 -27.96 3.25
C SER B 180 -8.15 -28.01 4.30
N THR B 181 -8.40 -27.36 5.44
CA THR B 181 -7.40 -27.26 6.50
C THR B 181 -7.93 -27.97 7.74
N LEU B 182 -7.20 -29.00 8.15
CA LEU B 182 -7.48 -29.73 9.38
C LEU B 182 -6.67 -29.10 10.52
N THR B 183 -7.34 -28.75 11.61
CA THR B 183 -6.68 -28.11 12.74
C THR B 183 -6.76 -29.01 13.96
N LEU B 184 -5.60 -29.31 14.54
CA LEU B 184 -5.47 -30.19 15.69
C LEU B 184 -4.55 -29.53 16.71
N SER B 185 -4.75 -29.85 17.98
CA SER B 185 -3.73 -29.46 18.95
C SER B 185 -2.45 -30.23 18.66
N LYS B 186 -1.33 -29.67 19.11
CA LYS B 186 -0.06 -30.38 18.97
C LYS B 186 -0.13 -31.75 19.64
N ALA B 187 -0.78 -31.84 20.80
CA ALA B 187 -0.82 -33.12 21.52
C ALA B 187 -1.58 -34.17 20.72
N ASP B 188 -2.74 -33.81 20.18
CA ASP B 188 -3.48 -34.74 19.31
C ASP B 188 -2.67 -35.10 18.08
N TYR B 189 -1.97 -34.12 17.49
CA TYR B 189 -1.21 -34.40 16.27
C TYR B 189 -0.15 -35.45 16.52
N GLU B 190 0.61 -35.32 17.60
CA GLU B 190 1.74 -36.20 17.87
C GLU B 190 1.32 -37.56 18.41
N LYS B 191 0.03 -37.77 18.66
CA LYS B 191 -0.50 -39.06 19.08
C LYS B 191 -0.79 -40.00 17.91
N HIS B 192 -0.70 -39.52 16.67
CA HIS B 192 -1.14 -40.29 15.51
C HIS B 192 -0.07 -40.27 14.43
N LYS B 193 -0.18 -41.22 13.51
CA LYS B 193 0.85 -41.46 12.51
C LYS B 193 0.45 -41.07 11.10
N VAL B 194 -0.70 -41.53 10.61
CA VAL B 194 -1.07 -41.36 9.21
C VAL B 194 -2.12 -40.27 9.08
N TYR B 195 -1.84 -39.29 8.24
CA TYR B 195 -2.76 -38.19 7.95
C TYR B 195 -3.12 -38.26 6.47
N ALA B 196 -4.42 -38.30 6.17
CA ALA B 196 -4.86 -38.53 4.80
C ALA B 196 -6.05 -37.65 4.45
N CYS B 197 -6.04 -37.08 3.24
CA CYS B 197 -7.25 -36.45 2.71
C CYS B 197 -7.69 -37.24 1.47
N GLU B 198 -8.97 -37.55 1.43
CA GLU B 198 -9.58 -38.35 0.37
C GLU B 198 -10.56 -37.46 -0.41
N VAL B 199 -10.40 -37.41 -1.72
CA VAL B 199 -11.12 -36.45 -2.56
C VAL B 199 -12.02 -37.19 -3.54
N THR B 200 -13.29 -36.80 -3.57
CA THR B 200 -14.25 -37.26 -4.56
C THR B 200 -14.65 -36.10 -5.46
N HIS B 201 -14.77 -36.37 -6.75
CA HIS B 201 -15.06 -35.33 -7.72
C HIS B 201 -15.56 -35.98 -9.01
N GLN B 202 -16.40 -35.24 -9.74
CA GLN B 202 -16.96 -35.70 -11.01
C GLN B 202 -15.88 -36.16 -11.99
N GLY B 203 -14.69 -35.58 -11.94
CA GLY B 203 -13.66 -36.00 -12.86
C GLY B 203 -12.80 -37.17 -12.44
N LEU B 204 -13.08 -37.76 -11.28
CA LEU B 204 -12.28 -38.85 -10.73
C LEU B 204 -13.09 -40.14 -10.79
N SER B 205 -12.54 -41.17 -11.44
CA SER B 205 -13.21 -42.46 -11.50
C SER B 205 -13.12 -43.22 -10.18
N SER B 206 -12.15 -42.89 -9.34
CA SER B 206 -12.11 -43.40 -7.99
C SER B 206 -11.56 -42.30 -7.10
N PRO B 207 -11.95 -42.26 -5.83
CA PRO B 207 -11.45 -41.18 -4.95
C PRO B 207 -9.94 -41.20 -4.88
N VAL B 208 -9.37 -40.01 -4.75
CA VAL B 208 -7.93 -39.84 -4.69
C VAL B 208 -7.56 -39.55 -3.24
N THR B 209 -6.58 -40.29 -2.72
CA THR B 209 -6.12 -40.10 -1.35
C THR B 209 -4.66 -39.68 -1.41
N LYS B 210 -4.33 -38.57 -0.74
CA LYS B 210 -2.96 -38.19 -0.50
C LYS B 210 -2.72 -38.26 1.00
N SER B 211 -1.55 -38.76 1.40
CA SER B 211 -1.31 -38.97 2.82
C SER B 211 0.17 -38.80 3.11
N PHE B 212 0.47 -38.65 4.40
CA PHE B 212 1.84 -38.76 4.87
C PHE B 212 1.82 -39.49 6.20
N ASN B 213 2.96 -40.08 6.54
CA ASN B 213 3.17 -40.66 7.85
C ASN B 213 3.93 -39.63 8.68
N ARG B 214 3.34 -39.21 9.79
CA ARG B 214 3.87 -38.10 10.57
C ARG B 214 5.29 -38.41 11.02
N GLY B 215 6.27 -37.79 10.35
CA GLY B 215 7.66 -37.98 10.67
C GLY B 215 8.36 -38.94 9.73
N GLU B 216 8.18 -38.75 8.44
CA GLU B 216 8.89 -39.55 7.45
C GLU B 216 9.37 -38.65 6.31
N LEU C 1 -44.00 10.05 -18.18
CA LEU C 1 -44.08 9.50 -16.84
C LEU C 1 -43.09 10.24 -15.94
N ASP C 2 -43.45 10.43 -14.68
CA ASP C 2 -42.57 11.14 -13.76
C ASP C 2 -41.35 10.30 -13.44
N SER C 3 -40.23 10.99 -13.21
CA SER C 3 -39.02 10.31 -12.78
C SER C 3 -39.12 9.90 -11.31
N PHE C 4 -38.25 8.97 -10.91
CA PHE C 4 -38.23 8.59 -9.50
C PHE C 4 -37.74 9.75 -8.64
N LYS C 5 -36.79 10.52 -9.15
CA LYS C 5 -36.33 11.68 -8.39
C LYS C 5 -37.49 12.63 -8.11
N GLU C 6 -38.34 12.86 -9.10
CA GLU C 6 -39.53 13.70 -8.90
C GLU C 6 -40.42 13.13 -7.80
N GLU C 7 -40.58 11.80 -7.76
CA GLU C 7 -41.37 11.16 -6.71
C GLU C 7 -40.75 11.41 -5.33
N LEU C 8 -39.43 11.22 -5.24
CA LEU C 8 -38.74 11.42 -3.98
C LEU C 8 -38.83 12.88 -3.53
N ASP C 9 -38.65 13.82 -4.47
CA ASP C 9 -38.75 15.24 -4.14
C ASP C 9 -40.11 15.54 -3.54
N LYS C 10 -41.17 15.04 -4.17
CA LYS C 10 -42.51 15.25 -3.66
C LYS C 10 -42.67 14.67 -2.26
N TYR C 11 -42.11 13.48 -2.02
CA TYR C 11 -42.22 12.89 -0.68
C TYR C 11 -41.63 13.81 0.37
N PHE C 12 -40.42 14.32 0.12
CA PHE C 12 -39.76 15.13 1.13
C PHE C 12 -40.36 16.52 1.23
N LYS C 13 -40.99 17.03 0.16
CA LYS C 13 -41.68 18.31 0.25
C LYS C 13 -42.89 18.23 1.18
N ASN C 14 -43.50 17.06 1.31
CA ASN C 14 -44.75 16.89 2.05
C ASN C 14 -44.61 16.05 3.32
N HIS C 15 -43.37 15.77 3.76
CA HIS C 15 -43.18 15.03 5.00
C HIS C 15 -41.99 15.59 5.81
N GLN D 1 17.17 -10.79 -12.03
CA GLN D 1 16.33 -11.97 -12.01
C GLN D 1 16.22 -12.58 -10.64
N VAL D 2 16.76 -11.88 -9.66
CA VAL D 2 16.52 -12.20 -8.27
C VAL D 2 15.90 -10.98 -7.61
N GLN D 3 15.24 -11.21 -6.47
CA GLN D 3 14.62 -10.17 -5.67
C GLN D 3 15.21 -10.25 -4.28
N LEU D 4 15.44 -9.09 -3.66
CA LEU D 4 15.98 -9.03 -2.31
C LEU D 4 14.91 -8.40 -1.43
N VAL D 5 14.56 -9.06 -0.32
CA VAL D 5 13.55 -8.52 0.57
C VAL D 5 14.13 -8.43 1.97
N GLN D 6 13.86 -7.31 2.64
CA GLN D 6 14.46 -7.05 3.93
C GLN D 6 13.40 -6.96 5.02
N SER D 7 13.85 -7.12 6.26
CA SER D 7 12.96 -6.97 7.40
C SER D 7 12.56 -5.50 7.58
N GLY D 8 11.58 -5.28 8.48
CA GLY D 8 10.95 -3.99 8.59
C GLY D 8 11.72 -2.98 9.43
N ALA D 9 11.22 -1.75 9.40
CA ALA D 9 11.87 -0.65 10.09
C ALA D 9 12.01 -0.94 11.58
N GLU D 10 13.06 -0.39 12.16
CA GLU D 10 13.44 -0.62 13.55
C GLU D 10 13.62 0.72 14.25
N VAL D 11 13.28 0.74 15.54
CA VAL D 11 13.55 1.88 16.41
C VAL D 11 14.38 1.36 17.57
N LYS D 12 15.49 2.04 17.86
CA LYS D 12 16.42 1.56 18.89
C LYS D 12 16.90 2.72 19.75
N LYS D 13 17.12 2.44 21.01
CA LYS D 13 17.73 3.43 21.88
C LYS D 13 19.25 3.34 21.81
N PRO D 14 19.96 4.43 22.10
CA PRO D 14 21.43 4.38 22.10
C PRO D 14 21.94 3.24 22.97
N GLY D 15 22.94 2.52 22.46
CA GLY D 15 23.53 1.39 23.16
C GLY D 15 22.92 0.05 22.82
N ALA D 16 21.77 0.03 22.15
CA ALA D 16 21.19 -1.22 21.71
C ALA D 16 21.96 -1.81 20.53
N SER D 17 21.53 -2.99 20.12
CA SER D 17 21.94 -3.58 18.86
C SER D 17 20.72 -3.74 17.97
N VAL D 18 20.96 -3.90 16.67
CA VAL D 18 19.90 -4.16 15.72
C VAL D 18 20.34 -5.29 14.79
N LYS D 19 19.39 -6.12 14.39
CA LYS D 19 19.67 -7.22 13.48
C LYS D 19 18.67 -7.15 12.34
N VAL D 20 19.17 -6.94 11.13
CA VAL D 20 18.36 -6.76 9.94
C VAL D 20 18.56 -7.99 9.05
N SER D 21 17.47 -8.47 8.47
CA SER D 21 17.56 -9.64 7.60
C SER D 21 17.38 -9.27 6.15
N CYS D 22 17.92 -10.13 5.29
CA CYS D 22 17.80 -10.00 3.84
C CYS D 22 17.62 -11.41 3.28
N GLN D 23 16.64 -11.57 2.41
CA GLN D 23 16.40 -12.85 1.75
C GLN D 23 16.33 -12.63 0.25
N THR D 24 16.75 -13.66 -0.48
CA THR D 24 16.83 -13.62 -1.92
C THR D 24 15.90 -14.64 -2.52
N SER D 25 15.03 -14.20 -3.42
CA SER D 25 14.17 -15.12 -4.17
C SER D 25 14.48 -15.02 -5.65
N GLY D 26 13.91 -15.93 -6.42
CA GLY D 26 13.97 -15.82 -7.87
C GLY D 26 14.90 -16.82 -8.50
N TYR D 27 15.54 -16.43 -9.60
CA TYR D 27 16.41 -17.34 -10.33
C TYR D 27 17.79 -17.35 -9.66
N THR D 28 17.86 -18.11 -8.56
CA THR D 28 19.05 -18.20 -7.71
C THR D 28 19.92 -19.39 -8.12
N PHE D 29 20.37 -19.34 -9.37
CA PHE D 29 21.19 -20.41 -9.95
C PHE D 29 22.38 -20.76 -9.05
N THR D 30 23.04 -19.75 -8.50
CA THR D 30 24.15 -19.97 -7.60
C THR D 30 24.02 -18.95 -6.49
N SER D 31 24.82 -19.09 -5.44
CA SER D 31 24.73 -18.04 -4.44
C SER D 31 25.48 -16.80 -4.94
N TYR D 32 25.36 -15.70 -4.21
CA TYR D 32 26.04 -14.47 -4.59
C TYR D 32 26.77 -13.92 -3.38
N TYR D 33 27.77 -13.09 -3.65
CA TYR D 33 28.30 -12.25 -2.58
C TYR D 33 27.25 -11.23 -2.20
N MET D 34 26.94 -11.11 -0.91
CA MET D 34 25.96 -10.13 -0.46
C MET D 34 26.66 -9.06 0.36
N HIS D 35 26.29 -7.81 0.12
CA HIS D 35 26.90 -6.64 0.74
C HIS D 35 25.85 -5.84 1.51
N TRP D 36 26.30 -5.02 2.46
CA TRP D 36 25.40 -4.08 3.11
C TRP D 36 25.95 -2.68 2.92
N VAL D 37 25.04 -1.75 2.63
CA VAL D 37 25.35 -0.34 2.39
C VAL D 37 24.33 0.47 3.17
N ARG D 38 24.77 1.50 3.89
CA ARG D 38 23.82 2.31 4.63
C ARG D 38 23.88 3.75 4.14
N GLN D 39 22.84 4.50 4.49
CA GLN D 39 22.68 5.89 4.08
C GLN D 39 21.96 6.64 5.17
N ALA D 40 22.69 7.51 5.87
CA ALA D 40 22.08 8.39 6.85
C ALA D 40 21.17 9.40 6.14
N PRO D 41 20.14 9.91 6.82
CA PRO D 41 19.18 10.81 6.17
C PRO D 41 19.85 12.01 5.52
N GLY D 42 19.64 12.16 4.21
CA GLY D 42 20.22 13.27 3.47
C GLY D 42 21.69 13.14 3.14
N GLN D 43 22.32 12.02 3.47
CA GLN D 43 23.75 11.84 3.29
C GLN D 43 24.03 10.83 2.19
N GLY D 44 25.30 10.48 2.04
CA GLY D 44 25.77 9.61 0.97
C GLY D 44 25.71 8.16 1.37
N LEU D 45 26.24 7.32 0.47
CA LEU D 45 26.28 5.88 0.64
C LEU D 45 27.54 5.46 1.36
N GLU D 46 27.42 4.48 2.26
CA GLU D 46 28.55 3.97 3.02
C GLU D 46 28.54 2.44 3.01
N TRP D 47 29.60 1.83 2.47
CA TRP D 47 29.71 0.37 2.42
C TRP D 47 30.06 -0.19 3.79
N MET D 48 29.40 -1.28 4.18
CA MET D 48 29.68 -1.85 5.49
C MET D 48 30.48 -3.15 5.46
N GLY D 49 30.34 -3.96 4.42
CA GLY D 49 31.08 -5.20 4.33
C GLY D 49 30.32 -6.19 3.47
N LEU D 50 30.87 -7.40 3.40
CA LEU D 50 30.29 -8.44 2.56
C LEU D 50 30.36 -9.78 3.27
N ILE D 51 29.56 -10.72 2.76
CA ILE D 51 29.58 -12.13 3.17
C ILE D 51 29.65 -12.97 1.90
N THR D 52 30.41 -14.07 1.96
CA THR D 52 30.65 -14.88 0.77
C THR D 52 29.40 -15.68 0.39
N PRO D 53 29.34 -16.22 -0.83
CA PRO D 53 28.15 -16.99 -1.22
C PRO D 53 27.84 -18.15 -0.27
N SER D 54 28.86 -18.83 0.24
CA SER D 54 28.60 -19.94 1.15
C SER D 54 28.18 -19.46 2.52
N GLY D 55 28.58 -18.25 2.89
CA GLY D 55 28.42 -17.79 4.25
C GLY D 55 29.56 -18.15 5.17
N ASP D 56 30.62 -18.78 4.66
CA ASP D 56 31.69 -19.22 5.54
C ASP D 56 32.74 -18.15 5.81
N ASP D 57 32.66 -16.99 5.14
CA ASP D 57 33.61 -15.91 5.34
C ASP D 57 32.91 -14.57 5.20
N THR D 58 33.51 -13.55 5.83
CA THR D 58 33.03 -12.19 5.76
C THR D 58 34.24 -11.27 5.70
N TYR D 59 33.99 -10.03 5.30
CA TYR D 59 35.01 -8.98 5.41
C TYR D 59 34.30 -7.65 5.55
N TYR D 60 34.72 -6.84 6.51
CA TYR D 60 34.00 -5.62 6.86
C TYR D 60 34.81 -4.37 6.54
N ALA D 61 34.08 -3.26 6.33
CA ALA D 61 34.71 -1.96 6.24
C ALA D 61 35.44 -1.68 7.56
N GLN D 62 36.58 -1.00 7.48
CA GLN D 62 37.35 -0.74 8.69
C GLN D 62 36.54 -0.01 9.75
N ARG D 63 35.68 0.92 9.33
CA ARG D 63 34.85 1.69 10.27
C ARG D 63 33.90 0.80 11.08
N PHE D 64 33.62 -0.42 10.65
CA PHE D 64 32.66 -1.26 11.36
C PHE D 64 33.28 -2.51 11.93
N GLN D 65 34.58 -2.74 11.69
CA GLN D 65 35.25 -3.88 12.28
C GLN D 65 35.08 -3.87 13.80
N GLY D 66 34.65 -5.00 14.34
CA GLY D 66 34.41 -5.14 15.76
C GLY D 66 33.02 -4.76 16.22
N ARG D 67 32.18 -4.22 15.33
CA ARG D 67 30.85 -3.78 15.71
C ARG D 67 29.74 -4.33 14.83
N VAL D 68 30.08 -4.88 13.67
CA VAL D 68 29.09 -5.49 12.78
C VAL D 68 29.41 -6.97 12.62
N THR D 69 28.35 -7.77 12.51
CA THR D 69 28.45 -9.17 12.18
C THR D 69 27.48 -9.45 11.03
N MET D 70 27.94 -10.19 10.04
CA MET D 70 27.12 -10.65 8.95
C MET D 70 27.11 -12.18 8.99
N THR D 71 25.92 -12.77 8.94
CA THR D 71 25.79 -14.21 9.13
C THR D 71 24.84 -14.77 8.10
N ARG D 72 25.12 -15.99 7.64
CA ARG D 72 24.29 -16.70 6.69
C ARG D 72 24.47 -18.18 6.97
N ASP D 73 23.40 -18.85 7.43
CA ASP D 73 23.51 -20.25 7.79
C ASP D 73 23.75 -21.12 6.55
N THR D 74 22.90 -21.01 5.54
CA THR D 74 23.10 -21.69 4.26
C THR D 74 22.93 -20.70 3.13
N SER D 75 23.35 -21.12 1.92
CA SER D 75 23.19 -20.29 0.74
C SER D 75 21.74 -19.98 0.41
N THR D 76 20.79 -20.64 1.08
CA THR D 76 19.38 -20.29 0.95
C THR D 76 18.79 -19.61 2.18
N SER D 77 19.47 -19.69 3.33
CA SER D 77 18.97 -19.10 4.56
C SER D 77 18.97 -17.57 4.48
N PRO D 78 18.19 -16.90 5.32
CA PRO D 78 18.29 -15.43 5.38
C PRO D 78 19.70 -15.04 5.80
N THR D 79 20.15 -13.89 5.31
CA THR D 79 21.40 -13.33 5.76
C THR D 79 21.12 -12.14 6.66
N TYR D 80 21.87 -12.04 7.74
CA TYR D 80 21.62 -11.06 8.77
C TYR D 80 22.81 -10.13 8.89
N MET D 81 22.51 -8.88 9.20
CA MET D 81 23.49 -7.88 9.56
C MET D 81 23.13 -7.43 10.96
N GLU D 82 24.04 -7.65 11.91
CA GLU D 82 23.84 -7.18 13.28
C GLU D 82 24.87 -6.09 13.58
N LEU D 83 24.38 -4.93 14.01
CA LEU D 83 25.21 -3.79 14.36
C LEU D 83 25.03 -3.48 15.84
N SER D 84 26.15 -3.44 16.58
CA SER D 84 26.11 -3.30 18.04
C SER D 84 26.45 -1.88 18.47
N SER D 85 26.14 -1.59 19.74
CA SER D 85 26.47 -0.32 20.39
C SER D 85 26.04 0.87 19.54
N LEU D 86 24.74 0.91 19.25
CA LEU D 86 24.21 1.92 18.35
C LEU D 86 24.37 3.32 18.93
N THR D 87 24.63 4.29 18.04
CA THR D 87 24.65 5.70 18.36
C THR D 87 23.76 6.45 17.36
N SER D 88 23.56 7.75 17.62
CA SER D 88 22.82 8.60 16.68
C SER D 88 23.42 8.56 15.29
N GLU D 89 24.74 8.35 15.18
CA GLU D 89 25.38 8.27 13.88
C GLU D 89 24.90 7.06 13.07
N ASP D 90 24.28 6.07 13.72
CA ASP D 90 23.83 4.86 13.04
C ASP D 90 22.40 4.95 12.53
N THR D 91 21.68 6.03 12.82
CA THR D 91 20.39 6.26 12.18
C THR D 91 20.57 6.35 10.69
N ALA D 92 19.91 5.44 9.95
CA ALA D 92 20.16 5.34 8.52
C ALA D 92 19.22 4.31 7.92
N VAL D 93 19.09 4.35 6.60
CA VAL D 93 18.52 3.26 5.84
C VAL D 93 19.64 2.26 5.55
N TYR D 94 19.41 0.99 5.90
CA TYR D 94 20.37 -0.08 5.68
C TYR D 94 19.91 -0.92 4.49
N TYR D 95 20.78 -1.03 3.47
CA TYR D 95 20.46 -1.77 2.25
C TYR D 95 21.28 -3.05 2.20
N CYS D 96 20.66 -4.18 1.86
CA CYS D 96 21.47 -5.29 1.37
C CYS D 96 21.49 -5.19 -0.15
N ALA D 97 22.55 -5.72 -0.73
CA ALA D 97 22.76 -5.62 -2.15
C ALA D 97 23.43 -6.89 -2.63
N LYS D 98 23.05 -7.31 -3.84
CA LYS D 98 23.69 -8.45 -4.47
C LYS D 98 24.80 -7.93 -5.36
N MET D 99 25.96 -8.58 -5.31
CA MET D 99 27.07 -8.24 -6.19
C MET D 99 26.97 -9.07 -7.46
N SER D 100 27.14 -8.42 -8.61
CA SER D 100 27.30 -9.19 -9.83
C SER D 100 28.74 -9.68 -9.94
N ARG D 101 28.99 -10.58 -10.90
CA ARG D 101 30.34 -11.11 -11.01
C ARG D 101 31.34 -10.02 -11.38
N ALA D 102 30.87 -8.91 -11.96
CA ALA D 102 31.74 -7.80 -12.30
C ALA D 102 32.03 -6.89 -11.12
N GLY D 103 31.39 -7.09 -9.96
CA GLY D 103 31.69 -6.34 -8.75
C GLY D 103 30.70 -5.24 -8.38
N GLY D 104 29.92 -4.75 -9.33
CA GLY D 104 28.90 -3.76 -9.01
C GLY D 104 27.70 -4.39 -8.31
N PHE D 105 26.92 -3.55 -7.66
CA PHE D 105 25.72 -4.00 -6.95
C PHE D 105 24.54 -3.85 -7.90
N ASP D 106 24.10 -4.97 -8.51
CA ASP D 106 23.10 -4.86 -9.56
C ASP D 106 21.67 -5.01 -9.05
N VAL D 107 21.47 -5.62 -7.88
CA VAL D 107 20.14 -5.73 -7.27
C VAL D 107 20.26 -5.27 -5.82
N TRP D 108 19.31 -4.44 -5.40
CA TRP D 108 19.28 -3.87 -4.06
C TRP D 108 17.99 -4.25 -3.36
N GLY D 109 18.07 -4.52 -2.07
CA GLY D 109 16.87 -4.58 -1.26
C GLY D 109 16.21 -3.22 -1.18
N GLN D 110 15.00 -3.21 -0.62
CA GLN D 110 14.25 -1.96 -0.50
C GLN D 110 14.78 -1.07 0.61
N GLY D 111 15.64 -1.58 1.47
CA GLY D 111 16.15 -0.80 2.58
C GLY D 111 15.35 -0.98 3.84
N THR D 112 16.03 -0.85 4.97
CA THR D 112 15.44 -0.91 6.29
C THR D 112 15.88 0.32 7.07
N LEU D 113 14.93 1.17 7.45
CA LEU D 113 15.25 2.32 8.28
C LEU D 113 15.46 1.86 9.72
N VAL D 114 16.60 2.24 10.29
CA VAL D 114 16.89 2.06 11.71
C VAL D 114 17.03 3.45 12.30
N THR D 115 16.11 3.82 13.19
CA THR D 115 16.15 5.11 13.87
C THR D 115 16.68 4.90 15.29
N VAL D 116 17.82 5.52 15.60
CA VAL D 116 18.40 5.47 16.94
C VAL D 116 18.03 6.75 17.67
N SER D 117 17.31 6.61 18.78
CA SER D 117 16.74 7.75 19.47
C SER D 117 16.35 7.33 20.88
N SER D 118 16.37 8.30 21.79
CA SER D 118 15.84 8.08 23.13
C SER D 118 14.32 8.21 23.19
N ALA D 119 13.69 8.72 22.12
CA ALA D 119 12.25 8.96 22.15
C ALA D 119 11.48 7.65 22.05
N SER D 120 10.22 7.71 22.45
CA SER D 120 9.31 6.57 22.34
C SER D 120 8.34 6.81 21.21
N THR D 121 7.92 5.71 20.58
CA THR D 121 6.96 5.79 19.48
C THR D 121 5.72 6.56 19.92
N LYS D 122 5.31 7.54 19.12
CA LYS D 122 4.28 8.49 19.52
C LYS D 122 3.58 9.05 18.29
N GLY D 123 2.24 9.09 18.32
CA GLY D 123 1.46 9.64 17.23
C GLY D 123 1.43 11.15 17.25
N PRO D 124 1.13 11.76 16.11
CA PRO D 124 1.19 13.22 15.99
C PRO D 124 -0.03 13.91 16.57
N SER D 125 0.14 15.21 16.83
CA SER D 125 -0.95 16.14 17.07
C SER D 125 -1.12 16.98 15.81
N VAL D 126 -2.36 17.11 15.33
CA VAL D 126 -2.63 17.79 14.06
C VAL D 126 -3.38 19.08 14.33
N PHE D 127 -2.83 20.19 13.83
CA PHE D 127 -3.38 21.52 14.01
C PHE D 127 -3.63 22.16 12.65
N PRO D 128 -4.68 22.96 12.51
CA PRO D 128 -4.97 23.58 11.22
C PRO D 128 -4.06 24.77 10.93
N LEU D 129 -3.86 25.02 9.64
CA LEU D 129 -3.18 26.21 9.13
C LEU D 129 -4.21 26.97 8.30
N ALA D 130 -5.02 27.78 8.97
CA ALA D 130 -6.21 28.35 8.36
C ALA D 130 -5.85 29.33 7.25
N PRO D 131 -6.59 29.33 6.13
CA PRO D 131 -6.33 30.29 5.06
C PRO D 131 -6.81 31.68 5.46
N SER D 132 -5.93 32.67 5.29
CA SER D 132 -6.23 34.04 5.71
C SER D 132 -6.13 35.03 4.56
N GLY D 138 -2.84 36.82 -6.55
CA GLY D 138 -4.14 37.22 -7.07
C GLY D 138 -5.13 36.08 -7.12
N GLY D 139 -5.91 35.92 -6.05
CA GLY D 139 -6.95 34.91 -6.00
C GLY D 139 -6.49 33.52 -5.61
N THR D 140 -5.26 33.37 -5.11
CA THR D 140 -4.76 32.09 -4.62
C THR D 140 -4.64 32.14 -3.10
N ALA D 141 -5.14 31.12 -2.43
CA ALA D 141 -5.05 31.01 -0.98
C ALA D 141 -4.22 29.78 -0.60
N ALA D 142 -3.62 29.83 0.59
CA ALA D 142 -2.80 28.73 1.10
C ALA D 142 -3.35 28.28 2.45
N LEU D 143 -3.52 26.97 2.60
CA LEU D 143 -3.96 26.36 3.84
C LEU D 143 -3.18 25.08 4.05
N GLY D 144 -3.26 24.54 5.26
CA GLY D 144 -2.54 23.31 5.53
C GLY D 144 -2.87 22.72 6.87
N CYS D 145 -2.07 21.73 7.26
CA CYS D 145 -2.15 21.08 8.56
C CYS D 145 -0.75 20.97 9.14
N LEU D 146 -0.64 21.27 10.43
CA LEU D 146 0.62 21.13 11.17
C LEU D 146 0.60 19.78 11.88
N VAL D 147 1.54 18.91 11.54
CA VAL D 147 1.61 17.54 12.04
C VAL D 147 2.79 17.48 13.00
N LYS D 148 2.52 17.60 14.30
CA LYS D 148 3.53 17.91 15.30
C LYS D 148 3.73 16.79 16.32
N ASP D 149 4.99 16.59 16.71
CA ASP D 149 5.39 15.79 17.88
C ASP D 149 5.04 14.30 17.71
N TYR D 150 5.60 13.69 16.68
CA TYR D 150 5.44 12.26 16.46
C TYR D 150 6.81 11.60 16.36
N PHE D 151 6.82 10.26 16.51
CA PHE D 151 8.04 9.49 16.43
C PHE D 151 7.70 8.04 16.17
N PRO D 152 8.41 7.34 15.26
CA PRO D 152 9.45 7.83 14.37
C PRO D 152 8.89 8.25 13.02
N GLU D 153 9.80 8.52 12.09
CA GLU D 153 9.42 8.63 10.69
C GLU D 153 8.94 7.26 10.21
N PRO D 154 8.09 7.22 9.16
CA PRO D 154 7.47 8.31 8.43
C PRO D 154 6.01 8.53 8.80
N VAL D 155 5.43 9.60 8.27
CA VAL D 155 4.00 9.84 8.37
C VAL D 155 3.50 10.14 6.96
N THR D 156 2.23 9.84 6.72
CA THR D 156 1.60 10.11 5.44
C THR D 156 0.48 11.14 5.63
N VAL D 157 0.39 12.07 4.69
CA VAL D 157 -0.69 13.05 4.68
C VAL D 157 -1.33 13.08 3.30
N SER D 158 -2.65 12.93 3.25
CA SER D 158 -3.42 13.15 2.04
C SER D 158 -4.44 14.25 2.32
N TRP D 159 -5.07 14.73 1.24
CA TRP D 159 -6.08 15.77 1.33
C TRP D 159 -7.36 15.30 0.65
N ASN D 160 -8.48 15.48 1.34
CA ASN D 160 -9.80 15.08 0.84
C ASN D 160 -9.78 13.63 0.38
N SER D 161 -9.21 12.77 1.21
CA SER D 161 -9.15 11.33 1.00
C SER D 161 -8.44 10.97 -0.30
N GLY D 162 -7.53 11.84 -0.76
CA GLY D 162 -6.77 11.61 -1.96
C GLY D 162 -7.31 12.29 -3.19
N ALA D 163 -8.48 12.91 -3.11
CA ALA D 163 -9.05 13.58 -4.27
C ALA D 163 -8.27 14.85 -4.62
N LEU D 164 -7.68 15.51 -3.63
CA LEU D 164 -6.96 16.77 -3.84
C LEU D 164 -5.46 16.48 -3.86
N THR D 165 -4.84 16.70 -5.01
CA THR D 165 -3.40 16.45 -5.17
C THR D 165 -2.67 17.67 -5.72
N SER D 166 -3.34 18.42 -6.58
CA SER D 166 -2.71 19.58 -7.21
C SER D 166 -2.42 20.67 -6.19
N GLY D 167 -1.23 21.26 -6.30
CA GLY D 167 -0.83 22.32 -5.39
C GLY D 167 -0.47 21.88 -3.99
N VAL D 168 -0.40 20.58 -3.73
CA VAL D 168 -0.11 20.07 -2.40
C VAL D 168 1.40 20.00 -2.22
N HIS D 169 1.89 20.48 -1.09
CA HIS D 169 3.29 20.36 -0.70
C HIS D 169 3.34 19.80 0.71
N THR D 170 3.76 18.55 0.85
CA THR D 170 3.99 17.93 2.17
C THR D 170 5.49 17.95 2.44
N PHE D 171 5.89 18.75 3.41
CA PHE D 171 7.30 19.03 3.61
C PHE D 171 8.01 17.87 4.29
N PRO D 172 9.30 17.68 3.99
CA PRO D 172 10.10 16.74 4.78
C PRO D 172 10.06 17.10 6.26
N ALA D 173 9.96 16.08 7.10
CA ALA D 173 9.85 16.33 8.53
C ALA D 173 11.15 16.88 9.09
N VAL D 174 11.04 17.63 10.17
CA VAL D 174 12.20 18.13 10.90
C VAL D 174 12.22 17.48 12.28
N LEU D 175 13.42 17.26 12.78
CA LEU D 175 13.64 16.73 14.12
C LEU D 175 13.81 17.88 15.10
N GLN D 176 12.97 17.92 16.13
CA GLN D 176 13.05 18.94 17.17
C GLN D 176 14.00 18.50 18.28
N SER D 177 14.29 19.43 19.19
CA SER D 177 15.20 19.13 20.30
C SER D 177 14.60 18.11 21.27
N SER D 178 13.28 17.99 21.30
CA SER D 178 12.61 16.97 22.09
C SER D 178 12.92 15.56 21.60
N GLY D 179 13.41 15.42 20.37
CA GLY D 179 13.51 14.12 19.74
C GLY D 179 12.29 13.72 18.95
N LEU D 180 11.25 14.54 18.91
CA LEU D 180 10.07 14.25 18.12
C LEU D 180 10.12 15.01 16.80
N TYR D 181 9.44 14.46 15.80
CA TYR D 181 9.40 15.04 14.47
C TYR D 181 8.19 15.96 14.33
N SER D 182 8.27 16.83 13.33
CA SER D 182 7.15 17.69 12.99
C SER D 182 7.23 18.01 11.51
N LEU D 183 6.07 18.16 10.88
CA LEU D 183 6.02 18.61 9.50
C LEU D 183 4.71 19.35 9.27
N SER D 184 4.65 20.06 8.15
CA SER D 184 3.43 20.66 7.66
C SER D 184 3.14 20.15 6.27
N SER D 185 1.85 20.04 5.96
CA SER D 185 1.38 19.78 4.61
C SER D 185 0.51 20.95 4.18
N VAL D 186 0.86 21.59 3.07
CA VAL D 186 0.13 22.77 2.63
C VAL D 186 -0.45 22.53 1.25
N VAL D 187 -1.40 23.38 0.87
CA VAL D 187 -2.05 23.31 -0.43
C VAL D 187 -2.47 24.72 -0.82
N THR D 188 -2.25 25.08 -2.08
CA THR D 188 -2.69 26.35 -2.62
C THR D 188 -3.96 26.13 -3.43
N VAL D 189 -4.98 26.94 -3.17
CA VAL D 189 -6.28 26.77 -3.79
C VAL D 189 -6.78 28.13 -4.25
N PRO D 190 -7.67 28.16 -5.24
CA PRO D 190 -8.33 29.43 -5.58
C PRO D 190 -9.10 29.96 -4.37
N SER D 191 -8.89 31.25 -4.07
CA SER D 191 -9.55 31.85 -2.92
C SER D 191 -11.06 31.82 -3.07
N SER D 192 -11.55 31.80 -4.32
CA SER D 192 -12.99 31.73 -4.57
C SER D 192 -13.56 30.40 -4.08
N SER D 193 -12.80 29.31 -4.19
CA SER D 193 -13.31 28.01 -3.80
C SER D 193 -13.51 27.88 -2.29
N LEU D 194 -13.05 28.86 -1.51
CA LEU D 194 -13.06 28.73 -0.05
C LEU D 194 -14.48 28.62 0.49
N GLY D 195 -15.47 29.20 -0.21
CA GLY D 195 -16.84 29.17 0.26
C GLY D 195 -17.69 28.03 -0.25
N THR D 196 -17.17 27.22 -1.19
CA THR D 196 -17.94 26.13 -1.77
C THR D 196 -17.18 24.81 -1.81
N GLN D 197 -16.02 24.71 -1.17
CA GLN D 197 -15.22 23.50 -1.18
C GLN D 197 -14.65 23.25 0.20
N THR D 198 -14.81 22.02 0.69
CA THR D 198 -14.27 21.61 1.99
C THR D 198 -12.86 21.07 1.80
N TYR D 199 -11.99 21.35 2.77
CA TYR D 199 -10.60 20.91 2.72
C TYR D 199 -10.27 20.20 4.03
N ILE D 200 -9.96 18.91 3.94
CA ILE D 200 -9.65 18.08 5.10
C ILE D 200 -8.33 17.37 4.85
N CYS D 201 -7.43 17.40 5.85
CA CYS D 201 -6.19 16.65 5.75
C CYS D 201 -6.33 15.32 6.49
N ASN D 202 -5.84 14.27 5.87
CA ASN D 202 -5.86 12.93 6.45
C ASN D 202 -4.44 12.54 6.82
N VAL D 203 -4.19 12.34 8.10
CA VAL D 203 -2.86 12.05 8.62
C VAL D 203 -2.83 10.61 9.13
N ASN D 204 -1.88 9.83 8.63
CA ASN D 204 -1.71 8.44 9.04
C ASN D 204 -0.28 8.25 9.51
N HIS D 205 -0.11 7.93 10.78
CA HIS D 205 1.18 7.56 11.36
C HIS D 205 1.13 6.04 11.59
N LYS D 206 1.66 5.29 10.62
CA LYS D 206 1.62 3.84 10.72
C LYS D 206 2.39 3.28 11.90
N PRO D 207 3.60 3.75 12.25
CA PRO D 207 4.32 3.15 13.39
C PRO D 207 3.55 3.18 14.69
N SER D 208 2.58 4.06 14.86
CA SER D 208 1.76 4.08 16.06
C SER D 208 0.31 3.77 15.76
N ASN D 209 -0.03 3.43 14.52
CA ASN D 209 -1.41 3.23 14.10
C ASN D 209 -2.27 4.41 14.56
N THR D 210 -1.79 5.62 14.28
CA THR D 210 -2.52 6.84 14.58
C THR D 210 -3.02 7.45 13.29
N LYS D 211 -4.32 7.76 13.24
CA LYS D 211 -4.95 8.24 12.02
C LYS D 211 -5.85 9.41 12.40
N VAL D 212 -5.65 10.58 11.78
CA VAL D 212 -6.33 11.81 12.17
C VAL D 212 -6.86 12.52 10.93
N ASP D 213 -8.07 13.08 11.04
CA ASP D 213 -8.68 13.93 10.02
C ASP D 213 -8.95 15.29 10.63
N LYS D 214 -8.50 16.36 9.96
CA LYS D 214 -8.70 17.72 10.44
C LYS D 214 -9.27 18.57 9.31
N LYS D 215 -10.41 19.20 9.58
CA LYS D 215 -11.03 20.12 8.63
C LYS D 215 -10.41 21.50 8.79
N VAL D 216 -9.98 22.09 7.68
CA VAL D 216 -9.30 23.38 7.71
C VAL D 216 -10.26 24.45 7.25
N GLU D 217 -10.63 25.35 8.15
CA GLU D 217 -11.56 26.45 7.92
C GLU D 217 -10.91 27.78 8.31
N PRO D 218 -11.30 28.88 7.65
CA PRO D 218 -10.77 30.22 7.96
C PRO D 218 -11.39 30.83 9.20
N GLU E 1 43.62 3.42 1.47
CA GLU E 1 42.49 3.08 0.60
C GLU E 1 42.27 4.15 -0.48
N VAL E 2 41.73 3.72 -1.63
CA VAL E 2 41.39 4.67 -2.68
C VAL E 2 40.28 5.59 -2.20
N VAL E 3 40.47 6.89 -2.40
CA VAL E 3 39.47 7.90 -2.10
C VAL E 3 38.95 8.43 -3.42
N LEU E 4 37.63 8.53 -3.54
CA LEU E 4 36.97 9.06 -4.73
C LEU E 4 36.41 10.45 -4.43
N THR E 5 36.70 11.41 -5.31
CA THR E 5 36.21 12.77 -5.19
C THR E 5 35.35 13.09 -6.40
N GLN E 6 34.06 13.38 -6.17
CA GLN E 6 33.14 13.73 -7.25
C GLN E 6 32.97 15.23 -7.36
N SER E 7 32.78 15.69 -8.59
CA SER E 7 32.54 17.10 -8.87
C SER E 7 31.62 17.20 -10.09
N PRO E 8 30.80 18.26 -10.17
CA PRO E 8 30.61 19.25 -9.12
C PRO E 8 29.71 18.67 -8.05
N GLY E 9 29.54 19.38 -6.93
CA GLY E 9 28.57 18.93 -5.94
C GLY E 9 27.15 18.98 -6.45
N THR E 10 26.81 20.03 -7.20
CA THR E 10 25.49 20.21 -7.79
C THR E 10 25.66 20.72 -9.22
N LEU E 11 24.95 20.09 -10.15
CA LEU E 11 24.94 20.45 -11.56
C LEU E 11 23.51 20.85 -11.90
N SER E 12 23.34 22.07 -12.42
CA SER E 12 22.03 22.60 -12.76
C SER E 12 21.93 22.77 -14.27
N LEU E 13 21.09 21.96 -14.90
CA LEU E 13 20.99 21.93 -16.35
C LEU E 13 19.53 21.80 -16.74
N SER E 14 19.26 21.96 -18.03
CA SER E 14 17.92 21.80 -18.55
C SER E 14 17.83 20.56 -19.41
N PRO E 15 16.64 19.97 -19.55
CA PRO E 15 16.48 18.86 -20.50
C PRO E 15 16.98 19.26 -21.88
N GLY E 16 17.59 18.30 -22.57
CA GLY E 16 18.22 18.55 -23.85
C GLY E 16 19.69 18.94 -23.76
N GLU E 17 20.16 19.38 -22.60
CA GLU E 17 21.55 19.74 -22.37
C GLU E 17 22.37 18.49 -22.06
N ARG E 18 23.70 18.66 -22.08
CA ARG E 18 24.64 17.59 -21.80
C ARG E 18 25.20 17.78 -20.39
N ALA E 19 25.25 16.69 -19.63
CA ALA E 19 25.80 16.71 -18.27
C ALA E 19 27.11 15.93 -18.25
N THR E 20 28.13 16.51 -17.62
CA THR E 20 29.43 15.87 -17.45
C THR E 20 29.75 15.80 -15.97
N LEU E 21 29.89 14.57 -15.46
CA LEU E 21 30.15 14.35 -14.04
C LEU E 21 31.54 13.77 -13.91
N SER E 22 32.29 14.26 -12.92
CA SER E 22 33.67 13.84 -12.70
C SER E 22 33.80 12.99 -11.44
N CYS E 23 34.62 11.96 -11.51
CA CYS E 23 35.01 11.14 -10.36
C CYS E 23 36.51 10.90 -10.44
N ARG E 24 37.26 11.44 -9.48
CA ARG E 24 38.73 11.35 -9.46
C ARG E 24 39.20 10.50 -8.28
N ALA E 25 40.10 9.57 -8.56
CA ALA E 25 40.61 8.64 -7.59
C ALA E 25 41.98 9.07 -7.07
N SER E 26 42.29 8.69 -5.82
CA SER E 26 43.55 9.11 -5.21
C SER E 26 44.72 8.21 -5.57
N GLN E 27 44.45 7.07 -6.22
CA GLN E 27 45.47 6.21 -6.82
C GLN E 27 44.99 5.86 -8.22
N SER E 28 45.92 5.44 -9.08
CA SER E 28 45.53 4.87 -10.37
C SER E 28 44.64 3.65 -10.13
N ILE E 29 43.55 3.57 -10.89
CA ILE E 29 42.64 2.43 -10.83
C ILE E 29 42.31 1.98 -12.25
N THR E 30 41.72 0.78 -12.34
CA THR E 30 41.24 0.26 -13.60
C THR E 30 39.75 0.57 -13.69
N GLY E 31 39.31 1.06 -14.86
CA GLY E 31 37.92 1.40 -15.03
C GLY E 31 36.97 0.25 -14.81
N ARG E 32 37.45 -0.98 -15.01
CA ARG E 32 36.66 -2.18 -14.70
C ARG E 32 36.16 -2.18 -13.26
N TYR E 33 36.91 -1.55 -12.35
CA TYR E 33 36.60 -1.59 -10.92
C TYR E 33 36.04 -0.27 -10.41
N LEU E 34 35.45 0.51 -11.31
CA LEU E 34 34.69 1.71 -10.97
C LEU E 34 33.28 1.51 -11.50
N ALA E 35 32.28 1.85 -10.68
CA ALA E 35 30.88 1.74 -11.08
C ALA E 35 30.16 3.03 -10.75
N TRP E 36 29.14 3.35 -11.55
CA TRP E 36 28.33 4.54 -11.36
C TRP E 36 26.91 4.11 -11.03
N TYR E 37 26.26 4.88 -10.13
CA TYR E 37 24.91 4.61 -9.66
C TYR E 37 24.08 5.88 -9.72
N GLN E 38 22.79 5.71 -10.01
CA GLN E 38 21.80 6.76 -9.93
C GLN E 38 20.90 6.48 -8.74
N GLN E 39 20.53 7.52 -8.01
CA GLN E 39 19.59 7.39 -6.91
C GLN E 39 18.56 8.51 -6.94
N LYS E 40 17.30 8.12 -6.98
CA LYS E 40 16.21 9.07 -6.85
C LYS E 40 15.63 9.03 -5.44
N PRO E 41 14.96 10.11 -5.03
CA PRO E 41 14.42 10.17 -3.65
C PRO E 41 13.50 8.99 -3.35
N GLY E 42 13.69 8.43 -2.16
CA GLY E 42 12.87 7.31 -1.72
C GLY E 42 13.21 5.97 -2.32
N GLN E 43 14.28 5.87 -3.11
CA GLN E 43 14.60 4.63 -3.79
C GLN E 43 16.04 4.21 -3.50
N ALA E 44 16.29 2.91 -3.61
CA ALA E 44 17.65 2.40 -3.58
C ALA E 44 18.42 2.86 -4.83
N PRO E 45 19.75 2.94 -4.74
CA PRO E 45 20.55 3.21 -5.93
C PRO E 45 20.33 2.18 -7.01
N ARG E 46 20.63 2.58 -8.24
CA ARG E 46 20.52 1.76 -9.43
C ARG E 46 21.88 1.78 -10.15
N LEU E 47 22.46 0.61 -10.38
CA LEU E 47 23.69 0.52 -11.15
C LEU E 47 23.48 0.99 -12.59
N LEU E 48 24.40 1.81 -13.08
CA LEU E 48 24.32 2.34 -14.45
C LEU E 48 25.34 1.74 -15.39
N MET E 49 26.61 1.68 -14.98
CA MET E 49 27.70 1.32 -15.87
C MET E 49 28.98 1.27 -15.06
N TYR E 50 29.98 0.63 -15.66
CA TYR E 50 31.31 0.59 -15.10
C TYR E 50 32.17 1.65 -15.77
N GLY E 51 33.37 1.85 -15.22
CA GLY E 51 34.20 2.97 -15.60
C GLY E 51 34.75 2.86 -17.00
N GLU E 52 34.82 1.66 -17.54
CA GLU E 52 35.25 1.40 -18.91
C GLU E 52 34.11 1.59 -19.91
N SER E 53 33.02 2.21 -19.48
CA SER E 53 31.85 2.66 -20.25
C SER E 53 30.87 1.53 -20.57
N SER E 54 31.08 0.31 -20.08
CA SER E 54 30.11 -0.77 -20.30
C SER E 54 28.89 -0.54 -19.41
N ARG E 55 27.72 -0.38 -20.04
CA ARG E 55 26.47 -0.23 -19.33
C ARG E 55 25.90 -1.61 -18.96
N VAL E 56 24.97 -1.61 -18.01
CA VAL E 56 24.23 -2.81 -17.61
C VAL E 56 22.86 -2.75 -18.29
N THR E 57 21.92 -3.61 -17.90
CA THR E 57 20.64 -3.64 -18.61
C THR E 57 19.73 -2.48 -18.20
N GLY E 58 18.88 -2.07 -19.15
CA GLY E 58 17.91 -1.02 -18.90
C GLY E 58 18.47 0.39 -18.84
N ILE E 59 19.68 0.62 -19.33
CA ILE E 59 20.35 1.92 -19.27
C ILE E 59 20.35 2.53 -20.66
N PRO E 60 19.72 3.69 -20.85
CA PRO E 60 19.65 4.29 -22.19
C PRO E 60 21.04 4.61 -22.73
N ASP E 61 21.14 4.64 -24.06
CA ASP E 61 22.44 4.87 -24.69
C ASP E 61 22.94 6.30 -24.55
N ARG E 62 22.11 7.22 -24.06
CA ARG E 62 22.60 8.58 -23.80
C ARG E 62 23.56 8.62 -22.62
N PHE E 63 23.66 7.55 -21.85
CA PHE E 63 24.64 7.45 -20.77
C PHE E 63 25.93 6.88 -21.31
N SER E 64 27.04 7.57 -21.06
CA SER E 64 28.34 7.07 -21.48
C SER E 64 29.36 7.40 -20.41
N GLY E 65 30.45 6.63 -20.41
CA GLY E 65 31.54 6.86 -19.49
C GLY E 65 32.83 7.00 -20.26
N GLY E 66 33.78 7.69 -19.63
CA GLY E 66 35.09 7.83 -20.21
C GLY E 66 36.11 7.96 -19.11
N GLY E 67 37.38 7.86 -19.50
CA GLY E 67 38.47 8.08 -18.58
C GLY E 67 39.24 6.81 -18.25
N SER E 68 40.31 7.01 -17.50
CA SER E 68 41.27 5.98 -17.16
C SER E 68 42.22 6.58 -16.14
N GLY E 69 43.08 5.74 -15.58
CA GLY E 69 44.06 6.21 -14.63
C GLY E 69 43.40 6.67 -13.34
N THR E 70 43.35 7.99 -13.11
CA THR E 70 42.70 8.54 -11.93
C THR E 70 41.45 9.35 -12.23
N ASP E 71 41.20 9.72 -13.49
CA ASP E 71 40.13 10.66 -13.80
C ASP E 71 39.08 9.98 -14.67
N PHE E 72 37.86 9.89 -14.15
CA PHE E 72 36.76 9.24 -14.85
C PHE E 72 35.58 10.19 -14.97
N THR E 73 34.76 9.99 -15.99
CA THR E 73 33.59 10.82 -16.22
C THR E 73 32.36 9.96 -16.50
N LEU E 74 31.21 10.54 -16.17
CA LEU E 74 29.90 10.08 -16.64
C LEU E 74 29.28 11.22 -17.42
N THR E 75 28.79 10.92 -18.63
CA THR E 75 28.20 11.95 -19.48
C THR E 75 26.80 11.52 -19.89
N ILE E 76 25.85 12.43 -19.74
CA ILE E 76 24.50 12.25 -20.24
C ILE E 76 24.33 13.20 -21.42
N SER E 77 24.19 12.63 -22.63
CA SER E 77 24.35 13.42 -23.84
C SER E 77 23.18 14.38 -24.04
N ARG E 78 21.95 13.91 -23.84
CA ARG E 78 20.75 14.74 -24.00
C ARG E 78 19.85 14.47 -22.80
N LEU E 79 19.89 15.38 -21.82
CA LEU E 79 19.18 15.14 -20.56
C LEU E 79 17.68 14.98 -20.80
N GLU E 80 17.11 14.01 -20.12
CA GLU E 80 15.67 13.80 -20.06
C GLU E 80 15.21 14.06 -18.64
N PRO E 81 13.94 14.42 -18.43
CA PRO E 81 13.48 14.72 -17.06
C PRO E 81 13.76 13.61 -16.06
N GLU E 82 13.73 12.35 -16.48
CA GLU E 82 13.96 11.22 -15.59
C GLU E 82 15.42 11.07 -15.19
N ASP E 83 16.32 11.84 -15.83
CA ASP E 83 17.75 11.77 -15.54
C ASP E 83 18.16 12.63 -14.35
N PHE E 84 17.31 13.51 -13.87
CA PHE E 84 17.70 14.38 -12.77
C PHE E 84 17.58 13.62 -11.46
N ALA E 85 18.69 13.51 -10.74
CA ALA E 85 18.85 12.59 -9.63
C ALA E 85 20.23 12.78 -9.03
N VAL E 86 20.59 12.01 -8.00
CA VAL E 86 21.94 12.00 -7.45
C VAL E 86 22.72 10.86 -8.08
N TYR E 87 23.99 11.10 -8.40
CA TYR E 87 24.85 10.11 -9.03
C TYR E 87 26.08 9.86 -8.17
N TYR E 88 26.38 8.59 -7.92
CA TYR E 88 27.53 8.19 -7.12
C TYR E 88 28.49 7.36 -7.95
N CYS E 89 29.79 7.56 -7.77
CA CYS E 89 30.77 6.59 -8.25
C CYS E 89 31.24 5.73 -7.09
N GLN E 90 31.78 4.56 -7.43
CA GLN E 90 32.14 3.52 -6.48
C GLN E 90 33.38 2.81 -7.01
N HIS E 91 34.31 2.47 -6.12
CA HIS E 91 35.49 1.71 -6.49
C HIS E 91 35.59 0.50 -5.57
N PHE E 92 36.09 -0.61 -6.10
CA PHE E 92 36.25 -1.80 -5.28
C PHE E 92 37.61 -2.44 -5.54
N ALA E 93 38.15 -3.05 -4.49
CA ALA E 93 39.41 -3.77 -4.51
C ALA E 93 39.20 -5.09 -3.79
N SER E 94 39.94 -6.12 -4.21
CA SER E 94 39.68 -7.48 -3.70
C SER E 94 40.61 -7.92 -2.57
N SER E 95 41.74 -7.26 -2.35
CA SER E 95 42.79 -7.80 -1.50
C SER E 95 43.38 -6.74 -0.58
N PRO E 96 42.77 -6.50 0.58
CA PRO E 96 41.54 -7.13 1.08
C PRO E 96 40.30 -6.43 0.53
N PRO E 97 39.15 -7.10 0.61
CA PRO E 97 37.92 -6.52 0.05
C PRO E 97 37.61 -5.14 0.62
N THR E 98 37.57 -4.14 -0.27
CA THR E 98 37.33 -2.76 0.14
C THR E 98 36.52 -2.06 -0.95
N TYR E 99 35.36 -1.53 -0.57
CA TYR E 99 34.56 -0.68 -1.44
C TYR E 99 34.54 0.74 -0.87
N THR E 100 34.50 1.72 -1.78
CA THR E 100 34.27 3.09 -1.35
C THR E 100 33.36 3.78 -2.36
N PHE E 101 32.71 4.84 -1.89
CA PHE E 101 31.83 5.65 -2.71
C PHE E 101 32.34 7.09 -2.73
N GLY E 102 32.16 7.76 -3.87
CA GLY E 102 32.24 9.20 -3.89
C GLY E 102 31.08 9.81 -3.12
N GLN E 103 31.16 11.13 -2.90
CA GLN E 103 30.16 11.80 -2.08
C GLN E 103 28.91 12.20 -2.87
N GLY E 104 28.90 11.97 -4.17
CA GLY E 104 27.72 12.14 -5.00
C GLY E 104 27.67 13.52 -5.66
N THR E 105 27.03 13.56 -6.82
CA THR E 105 26.70 14.79 -7.54
C THR E 105 25.19 14.85 -7.69
N LYS E 106 24.58 15.97 -7.30
CA LYS E 106 23.15 16.19 -7.50
C LYS E 106 22.94 16.89 -8.83
N LEU E 107 22.23 16.23 -9.74
CA LEU E 107 21.86 16.78 -11.04
C LEU E 107 20.43 17.29 -10.93
N GLU E 108 20.28 18.60 -11.08
CA GLU E 108 19.07 19.35 -10.74
C GLU E 108 18.66 20.23 -11.92
N ILE E 109 17.35 20.44 -12.10
CA ILE E 109 16.84 21.12 -13.28
C ILE E 109 17.02 22.63 -13.11
N ARG E 110 17.65 23.27 -14.10
CA ARG E 110 17.77 24.72 -14.10
C ARG E 110 16.60 25.31 -14.87
N ARG E 111 15.91 26.27 -14.25
CA ARG E 111 14.77 26.92 -14.87
C ARG E 111 14.90 28.42 -14.66
N THR E 112 13.98 29.18 -15.27
CA THR E 112 13.95 30.62 -15.07
C THR E 112 13.76 30.93 -13.59
N VAL E 113 14.32 32.08 -13.18
CA VAL E 113 14.26 32.46 -11.78
C VAL E 113 12.80 32.76 -11.40
N ALA E 114 12.32 32.09 -10.36
CA ALA E 114 10.95 32.23 -9.90
C ALA E 114 10.93 32.76 -8.48
N ALA E 115 10.11 33.77 -8.24
CA ALA E 115 10.02 34.36 -6.91
C ALA E 115 9.14 33.50 -6.01
N PRO E 116 9.47 33.42 -4.71
CA PRO E 116 8.65 32.64 -3.78
C PRO E 116 7.41 33.41 -3.35
N SER E 117 6.23 32.84 -3.59
CA SER E 117 5.00 33.37 -3.01
C SER E 117 5.02 33.09 -1.52
N VAL E 118 4.88 34.15 -0.71
CA VAL E 118 5.11 34.06 0.72
C VAL E 118 3.78 34.14 1.44
N PHE E 119 3.52 33.14 2.30
CA PHE E 119 2.34 33.10 3.16
C PHE E 119 2.83 32.94 4.60
N ILE E 120 2.06 33.49 5.55
CA ILE E 120 2.39 33.39 6.96
C ILE E 120 1.17 32.88 7.72
N PHE E 121 1.40 31.97 8.66
CA PHE E 121 0.32 31.28 9.39
C PHE E 121 0.51 31.47 10.90
N PRO E 122 -0.49 32.04 11.58
CA PRO E 122 -0.41 32.15 13.04
C PRO E 122 -0.62 30.80 13.70
N PRO E 123 -0.40 30.68 15.01
CA PRO E 123 -0.74 29.44 15.70
C PRO E 123 -2.25 29.28 15.78
N SER E 124 -2.67 28.03 15.93
CA SER E 124 -4.07 27.74 16.20
C SER E 124 -4.31 27.81 17.70
N ASP E 125 -5.54 28.22 18.06
CA ASP E 125 -5.89 28.28 19.47
C ASP E 125 -5.91 26.90 20.11
N GLU E 126 -6.05 25.85 19.29
CA GLU E 126 -5.96 24.50 19.84
C GLU E 126 -4.53 24.15 20.25
N GLN E 127 -3.55 24.50 19.43
CA GLN E 127 -2.16 24.31 19.84
C GLN E 127 -1.80 25.26 20.98
N LEU E 128 -2.26 26.51 20.89
CA LEU E 128 -2.04 27.46 21.99
C LEU E 128 -2.58 26.92 23.30
N LYS E 129 -3.68 26.16 23.24
CA LYS E 129 -4.24 25.55 24.44
C LYS E 129 -3.26 24.57 25.07
N SER E 130 -2.59 23.75 24.26
CA SER E 130 -1.65 22.77 24.80
C SER E 130 -0.44 23.43 25.45
N GLY E 131 -0.23 24.73 25.26
CA GLY E 131 0.84 25.43 25.94
C GLY E 131 2.05 25.68 25.06
N THR E 132 1.83 25.77 23.75
CA THR E 132 2.93 25.87 22.79
C THR E 132 2.44 26.61 21.56
N ALA E 133 3.36 27.28 20.88
CA ALA E 133 3.02 28.15 19.76
C ALA E 133 3.95 27.87 18.58
N SER E 134 3.35 27.57 17.43
CA SER E 134 4.09 27.33 16.19
C SER E 134 3.58 28.31 15.15
N VAL E 135 4.48 29.10 14.57
CA VAL E 135 4.13 30.05 13.52
C VAL E 135 4.87 29.62 12.26
N VAL E 136 4.14 29.49 11.15
CA VAL E 136 4.68 28.90 9.93
C VAL E 136 4.75 29.97 8.86
N CYS E 137 5.89 30.05 8.18
CA CYS E 137 6.09 30.90 7.02
C CYS E 137 6.35 30.00 5.83
N LEU E 138 5.54 30.16 4.78
CA LEU E 138 5.60 29.30 3.61
C LEU E 138 6.16 30.09 2.43
N LEU E 139 7.12 29.50 1.73
CA LEU E 139 7.70 30.05 0.51
C LEU E 139 7.37 29.08 -0.62
N ASN E 140 6.45 29.46 -1.49
CA ASN E 140 5.84 28.51 -2.41
C ASN E 140 6.37 28.69 -3.83
N ASN E 141 6.78 27.57 -4.44
CA ASN E 141 7.16 27.48 -5.85
C ASN E 141 8.16 28.54 -6.28
N PHE E 142 9.44 28.34 -5.97
CA PHE E 142 10.49 29.26 -6.36
C PHE E 142 11.67 28.51 -6.94
N TYR E 143 12.54 29.26 -7.61
CA TYR E 143 13.82 28.77 -8.12
C TYR E 143 14.74 29.98 -8.28
N PRO E 144 16.00 29.90 -7.86
CA PRO E 144 16.67 28.70 -7.36
C PRO E 144 16.31 28.30 -5.92
N ARG E 145 16.71 27.07 -5.56
CA ARG E 145 16.44 26.55 -4.23
C ARG E 145 16.99 27.46 -3.14
N GLU E 146 18.13 28.10 -3.41
CA GLU E 146 18.75 28.95 -2.40
C GLU E 146 17.85 30.14 -2.07
N ALA E 147 17.62 30.33 -0.78
CA ALA E 147 16.77 31.42 -0.32
C ALA E 147 17.03 31.61 1.17
N LYS E 148 16.66 32.78 1.67
CA LYS E 148 16.95 33.16 3.04
C LYS E 148 15.68 33.64 3.73
N VAL E 149 15.38 33.06 4.89
CA VAL E 149 14.23 33.42 5.68
C VAL E 149 14.74 33.98 7.00
N GLN E 150 14.21 35.14 7.39
CA GLN E 150 14.55 35.78 8.64
C GLN E 150 13.29 36.01 9.44
N TRP E 151 13.34 35.68 10.73
CA TRP E 151 12.19 35.80 11.62
C TRP E 151 12.41 36.99 12.54
N LYS E 152 11.35 37.75 12.78
CA LYS E 152 11.41 38.90 13.67
C LYS E 152 10.11 38.98 14.47
N VAL E 153 10.24 39.21 15.77
CA VAL E 153 9.10 39.44 16.64
C VAL E 153 9.30 40.77 17.36
N ASP E 154 8.39 41.72 17.12
CA ASP E 154 8.55 43.10 17.59
C ASP E 154 9.94 43.63 17.22
N ASN E 155 10.35 43.34 15.98
CA ASN E 155 11.58 43.81 15.37
C ASN E 155 12.84 43.24 16.02
N ALA E 156 12.74 42.08 16.67
CA ALA E 156 13.87 41.39 17.25
C ALA E 156 14.25 40.22 16.35
N LEU E 157 15.44 40.29 15.74
CA LEU E 157 15.89 39.23 14.86
C LEU E 157 16.04 37.93 15.64
N GLN E 158 15.30 36.90 15.22
CA GLN E 158 15.30 35.63 15.92
C GLN E 158 16.49 34.77 15.51
N SER E 159 16.99 34.00 16.46
CA SER E 159 18.06 33.04 16.19
C SER E 159 17.80 31.77 16.98
N GLY E 160 18.01 30.63 16.33
CA GLY E 160 18.02 29.34 16.98
C GLY E 160 16.67 28.78 17.39
N ASN E 161 15.57 29.47 17.11
CA ASN E 161 14.24 28.94 17.42
C ASN E 161 13.41 28.68 16.18
N SER E 162 14.05 28.44 15.04
CA SER E 162 13.35 28.24 13.79
C SER E 162 13.94 27.04 13.07
N GLN E 163 13.07 26.26 12.43
CA GLN E 163 13.51 25.12 11.64
C GLN E 163 12.92 25.23 10.25
N GLU E 164 13.72 24.88 9.26
CA GLU E 164 13.33 24.97 7.86
C GLU E 164 13.16 23.58 7.28
N SER E 165 12.29 23.48 6.27
CA SER E 165 12.15 22.26 5.48
C SER E 165 11.96 22.67 4.03
N VAL E 166 12.61 21.96 3.12
CA VAL E 166 12.54 22.25 1.69
C VAL E 166 12.08 20.99 0.97
N THR E 167 11.21 21.16 -0.02
CA THR E 167 10.72 20.05 -0.80
C THR E 167 11.74 19.64 -1.85
N GLU E 168 11.57 18.43 -2.37
CA GLU E 168 12.31 18.03 -3.55
C GLU E 168 11.81 18.84 -4.74
N GLN E 169 12.64 18.92 -5.78
CA GLN E 169 12.27 19.70 -6.96
C GLN E 169 10.97 19.16 -7.56
N ASP E 170 10.03 20.07 -7.81
CA ASP E 170 8.74 19.65 -8.33
C ASP E 170 8.89 19.12 -9.76
N SER E 171 8.13 18.08 -10.08
CA SER E 171 8.27 17.41 -11.37
C SER E 171 7.68 18.21 -12.52
N LYS E 172 6.76 19.14 -12.24
CA LYS E 172 6.07 19.85 -13.31
C LYS E 172 6.64 21.24 -13.57
N ASP E 173 6.82 22.06 -12.54
CA ASP E 173 7.33 23.42 -12.73
C ASP E 173 8.79 23.56 -12.32
N SER E 174 9.45 22.50 -11.88
CA SER E 174 10.86 22.51 -11.51
C SER E 174 11.15 23.53 -10.42
N THR E 175 10.19 23.77 -9.54
CA THR E 175 10.33 24.73 -8.46
C THR E 175 10.54 24.03 -7.12
N TYR E 176 10.93 24.82 -6.12
CA TYR E 176 11.08 24.35 -4.76
C TYR E 176 10.13 25.14 -3.87
N SER E 177 9.72 24.53 -2.77
CA SER E 177 8.96 25.21 -1.74
C SER E 177 9.64 24.98 -0.40
N LEU E 178 9.48 25.96 0.50
CA LEU E 178 10.17 25.97 1.77
C LEU E 178 9.20 26.38 2.87
N SER E 179 9.38 25.80 4.04
CA SER E 179 8.65 26.19 5.23
C SER E 179 9.63 26.53 6.33
N SER E 180 9.29 27.53 7.14
CA SER E 180 10.05 27.86 8.33
C SER E 180 9.08 27.96 9.50
N THR E 181 9.34 27.20 10.54
CA THR E 181 8.45 27.14 11.69
C THR E 181 9.19 27.73 12.90
N LEU E 182 8.59 28.76 13.47
CA LEU E 182 9.11 29.44 14.64
C LEU E 182 8.34 28.92 15.86
N THR E 183 9.06 28.30 16.80
CA THR E 183 8.45 27.70 17.97
C THR E 183 8.77 28.54 19.19
N LEU E 184 7.73 28.99 19.88
CA LEU E 184 7.86 29.69 21.16
C LEU E 184 6.93 29.03 22.16
N SER E 185 7.11 29.38 23.43
CA SER E 185 6.10 29.06 24.42
C SER E 185 4.88 29.96 24.21
N LYS E 186 3.77 29.56 24.82
CA LYS E 186 2.54 30.34 24.71
C LYS E 186 2.75 31.75 25.26
N ALA E 187 3.27 31.86 26.48
CA ALA E 187 3.48 33.17 27.09
C ALA E 187 4.41 34.03 26.25
N ASP E 188 5.54 33.46 25.82
CA ASP E 188 6.48 34.21 24.99
C ASP E 188 5.81 34.66 23.69
N TYR E 189 4.91 33.84 23.13
CA TYR E 189 4.10 34.28 22.00
C TYR E 189 3.12 35.37 22.41
N GLU E 190 2.62 35.31 23.64
CA GLU E 190 1.64 36.29 24.11
C GLU E 190 2.30 37.57 24.62
N LYS E 191 3.60 37.53 24.94
CA LYS E 191 4.35 38.73 25.31
C LYS E 191 4.74 39.61 24.13
N HIS E 192 4.19 39.37 22.94
CA HIS E 192 4.61 40.11 21.75
C HIS E 192 3.41 40.33 20.83
N LYS E 193 3.68 40.95 19.68
CA LYS E 193 2.61 41.44 18.82
C LYS E 193 2.89 41.26 17.34
N VAL E 194 4.04 41.71 16.86
CA VAL E 194 4.38 41.71 15.44
C VAL E 194 5.34 40.58 15.17
N TYR E 195 4.88 39.56 14.45
CA TYR E 195 5.70 38.45 14.00
C TYR E 195 5.87 38.55 12.49
N ALA E 196 7.08 38.30 12.02
CA ALA E 196 7.38 38.61 10.63
C ALA E 196 8.41 37.63 10.10
N CYS E 197 8.19 37.18 8.86
CA CYS E 197 9.18 36.39 8.15
C CYS E 197 9.62 37.17 6.92
N GLU E 198 10.90 37.48 6.84
CA GLU E 198 11.49 38.22 5.74
C GLU E 198 12.14 37.24 4.76
N VAL E 199 11.75 37.32 3.50
CA VAL E 199 12.22 36.40 2.48
C VAL E 199 13.13 37.14 1.53
N THR E 200 14.34 36.63 1.34
CA THR E 200 15.29 37.14 0.37
C THR E 200 15.49 36.10 -0.73
N HIS E 201 15.31 36.51 -1.98
CA HIS E 201 15.45 35.57 -3.09
C HIS E 201 15.97 36.32 -4.31
N GLN E 202 16.69 35.59 -5.17
CA GLN E 202 17.26 36.20 -6.37
C GLN E 202 16.19 36.77 -7.28
N GLY E 203 14.99 36.17 -7.28
CA GLY E 203 13.87 36.68 -8.06
C GLY E 203 13.09 37.78 -7.40
N LEU E 204 13.52 38.19 -6.21
CA LEU E 204 12.89 39.27 -5.48
C LEU E 204 13.76 40.50 -5.60
N SER E 205 13.20 41.57 -6.18
CA SER E 205 13.94 42.82 -6.31
C SER E 205 14.34 43.35 -4.94
N SER E 206 13.38 43.44 -4.03
CA SER E 206 13.65 43.78 -2.65
C SER E 206 13.22 42.63 -1.74
N PRO E 207 13.91 42.42 -0.62
CA PRO E 207 13.44 41.46 0.38
C PRO E 207 11.98 41.73 0.74
N VAL E 208 11.15 40.69 0.67
CA VAL E 208 9.72 40.78 0.95
C VAL E 208 9.45 40.22 2.33
N THR E 209 8.63 40.94 3.10
CA THR E 209 8.25 40.58 4.46
C THR E 209 6.75 40.40 4.52
N LYS E 210 6.31 39.23 5.01
CA LYS E 210 4.91 38.97 5.29
C LYS E 210 4.74 38.86 6.80
N SER E 211 3.64 39.42 7.30
CA SER E 211 3.48 39.56 8.75
C SER E 211 2.00 39.52 9.11
N PHE E 212 1.75 39.30 10.40
CA PHE E 212 0.41 39.44 10.97
C PHE E 212 0.55 40.14 12.31
N ASN E 213 -0.54 40.68 12.81
CA ASN E 213 -0.59 41.23 14.15
C ASN E 213 -1.34 40.27 15.04
N ARG E 214 -0.71 39.86 16.14
CA ARG E 214 -1.33 38.91 17.06
C ARG E 214 -2.67 39.43 17.54
N GLY E 215 -3.66 38.55 17.59
CA GLY E 215 -5.01 38.91 17.96
C GLY E 215 -5.81 39.60 16.88
N GLU E 216 -5.20 39.91 15.75
CA GLU E 216 -5.89 40.60 14.66
C GLU E 216 -6.24 39.64 13.53
N LEU F 1 41.18 -13.29 -17.99
CA LEU F 1 41.07 -12.24 -16.99
C LEU F 1 40.04 -12.62 -15.93
N ASP F 2 40.48 -12.72 -14.68
CA ASP F 2 39.57 -13.02 -13.58
C ASP F 2 38.52 -11.93 -13.45
N SER F 3 37.27 -12.34 -13.24
CA SER F 3 36.22 -11.41 -12.84
C SER F 3 36.49 -10.94 -11.40
N PHE F 4 35.82 -9.85 -11.00
CA PHE F 4 36.01 -9.39 -9.63
C PHE F 4 35.60 -10.45 -8.63
N LYS F 5 34.51 -11.17 -8.93
CA LYS F 5 34.08 -12.26 -8.05
C LYS F 5 35.18 -13.31 -7.91
N GLU F 6 35.83 -13.66 -9.01
CA GLU F 6 36.93 -14.61 -8.95
C GLU F 6 38.10 -14.07 -8.15
N GLU F 7 38.33 -12.76 -8.20
CA GLU F 7 39.36 -12.16 -7.36
C GLU F 7 39.01 -12.32 -5.89
N LEU F 8 37.75 -12.08 -5.54
CA LEU F 8 37.31 -12.24 -4.15
C LEU F 8 37.43 -13.69 -3.71
N ASP F 9 37.04 -14.63 -4.58
CA ASP F 9 37.21 -16.05 -4.29
C ASP F 9 38.65 -16.37 -3.94
N LYS F 10 39.60 -15.82 -4.71
CA LYS F 10 41.01 -16.08 -4.45
C LYS F 10 41.44 -15.47 -3.12
N TYR F 11 40.96 -14.26 -2.81
CA TYR F 11 41.31 -13.67 -1.51
C TYR F 11 40.90 -14.58 -0.36
N PHE F 12 39.65 -15.05 -0.38
CA PHE F 12 39.18 -15.85 0.75
C PHE F 12 39.81 -17.24 0.76
N LYS F 13 40.15 -17.76 -0.42
CA LYS F 13 40.85 -19.05 -0.48
C LYS F 13 42.21 -18.97 0.18
N ASN F 14 42.93 -17.87 0.01
CA ASN F 14 44.29 -17.71 0.49
C ASN F 14 44.39 -16.94 1.81
N HIS F 15 43.26 -16.66 2.45
CA HIS F 15 43.29 -15.93 3.72
C HIS F 15 42.33 -16.57 4.73
#